data_4PXQ
#
_entry.id   4PXQ
#
_cell.length_a   152.606
_cell.length_b   200.982
_cell.length_c   46.561
_cell.angle_alpha   90.00
_cell.angle_beta   90.00
_cell.angle_gamma   90.00
#
_symmetry.space_group_name_H-M   'P 21 21 2'
#
loop_
_entity.id
_entity.type
_entity.pdbx_description
1 polymer 'D-glucuronyl C5 epimerase B'
2 branched '4-deoxy-2-O-sulfo-alpha-L-threo-hex-4-enopyranuronic acid-(1-4)-2-deoxy-6-O-sulfo-2-(sulfoamino)-alpha-D-glucopyranose-(1-4)-2-O-sulfo-alpha-L-idopyranuronic acid-(1-4)-2-deoxy-6-O-sulfo-2-(sulfoamino)-alpha-D-glucopyranose-(1-4)-2-O-sulfo-alpha-L-idopyranuronic acid-(1-4)-2-deoxy-6-O-sulfo-2-(sulfoamino)-alpha-D-glucopyranose'
3 water water
#
_entity_poly.entity_id   1
_entity_poly.type   'polypeptide(L)'
_entity_poly.pdbx_seq_one_letter_code
;MRCLAAGVHYKTLIVICALLSLLTVLLWNKCTSEKALRFLPQHPQPPPSPKIDSHPQQPQPPEPPPVVGGVRYEEIDCLI
NDDATIKGRREGSEVYMPFSWMEKYFEVYGKVVQYDGYDRFEFSHSYSKVYAQREQYHPNGVFMSFEGYNVEVRDRVKCI
SGVEGVPLSTQWGPQGYFYAIQIAQYGLSHYSKNLTERPPHVEVYDTAEERDSRSSAWTVPKGCSLTRVYDKTRATSVRE
FSAPENSEGVSLPLGNTKDFIISFDLKFTSNGSVSVILETTEKGPPFVIHYVTTTQLILLKDRDITYGIGPRTTWTTVTR
DLLTDLRKGIGLSNTKAVKATKTMPRRVVKLVVHGTGTIDNITISTTSHMAAFYAASDWLVRNQDERGGWPIMVTRKLGE
GFRALEPGWYSAMAQGQAMSTLVRAYLMTKDDRYLKAALRATGPFKLPSEQHGVKAVFMNKYDWYEEYPTIPSSFVLNGF
IYSLIGLFDLAQTAGEKLGRDAGQLYSKGMESLKVMLPLYDTGSGTIYDLRHFILGTAPNLARWDYHTTHINQLQLLGTI
DNSPIFRDSVKRWKSYLKGGRAKHN
;
_entity_poly.pdbx_strand_id   A,B
#
# COMPACT_ATOMS: atom_id res chain seq x y z
N GLY A 70 15.69 -36.77 -13.95
CA GLY A 70 17.04 -36.17 -14.13
C GLY A 70 17.61 -35.90 -12.75
N VAL A 71 17.72 -34.63 -12.38
CA VAL A 71 18.13 -34.27 -11.03
C VAL A 71 17.04 -34.66 -10.04
N ARG A 72 17.40 -35.32 -8.99
CA ARG A 72 16.41 -35.87 -8.13
C ARG A 72 16.33 -35.23 -6.74
N TYR A 73 17.45 -34.64 -6.33
CA TYR A 73 17.53 -33.91 -5.08
C TYR A 73 18.81 -33.16 -5.24
N GLU A 74 18.77 -31.86 -4.96
CA GLU A 74 19.93 -30.97 -5.11
C GLU A 74 19.85 -29.78 -4.15
N GLU A 75 20.91 -29.51 -3.39
CA GLU A 75 20.97 -28.27 -2.62
C GLU A 75 21.28 -27.20 -3.64
N ILE A 76 20.33 -26.31 -3.91
CA ILE A 76 20.57 -25.39 -5.01
C ILE A 76 20.77 -23.96 -4.53
N ASP A 77 21.72 -23.27 -5.15
CA ASP A 77 21.92 -21.85 -4.91
C ASP A 77 20.72 -21.07 -5.42
N CYS A 78 20.11 -20.31 -4.52
CA CYS A 78 19.00 -19.42 -4.87
C CYS A 78 19.46 -17.98 -4.73
N LEU A 79 19.62 -17.30 -5.86
CA LEU A 79 20.04 -15.91 -5.86
C LEU A 79 18.81 -15.02 -5.73
N ILE A 80 18.77 -14.21 -4.67
CA ILE A 80 17.60 -13.38 -4.37
C ILE A 80 17.79 -11.95 -4.84
N ASN A 81 17.11 -11.57 -5.92
CA ASN A 81 17.21 -10.20 -6.46
C ASN A 81 18.65 -9.75 -6.71
N ASP A 82 19.50 -10.66 -7.18
CA ASP A 82 20.93 -10.34 -7.48
C ASP A 82 21.74 -9.93 -6.25
N ASP A 83 21.27 -10.25 -5.05
CA ASP A 83 21.98 -9.83 -3.82
C ASP A 83 22.52 -11.01 -2.99
N ALA A 84 21.70 -11.53 -2.10
CA ALA A 84 22.11 -12.63 -1.23
C ALA A 84 21.87 -13.95 -1.94
N THR A 85 22.52 -15.00 -1.44
CA THR A 85 22.30 -16.35 -1.94
C THR A 85 21.86 -17.22 -0.79
N ILE A 86 20.82 -18.00 -1.02
CA ILE A 86 20.30 -18.91 0.01
C ILE A 86 20.19 -20.32 -0.57
N LYS A 87 20.01 -21.31 0.30
CA LYS A 87 19.96 -22.70 -0.13
C LYS A 87 18.53 -23.22 -0.27
N GLY A 88 18.13 -23.53 -1.49
CA GLY A 88 16.84 -24.16 -1.73
C GLY A 88 17.05 -25.63 -2.00
N ARG A 89 15.97 -26.31 -2.39
CA ARG A 89 16.05 -27.70 -2.85
C ARG A 89 15.48 -27.80 -4.26
N ARG A 90 16.13 -28.59 -5.11
CA ARG A 90 15.60 -28.85 -6.43
C ARG A 90 15.28 -30.33 -6.64
N GLU A 91 14.11 -30.59 -7.21
CA GLU A 91 13.60 -31.93 -7.40
C GLU A 91 12.80 -32.00 -8.70
N GLY A 92 13.47 -32.48 -9.75
CA GLY A 92 12.92 -32.44 -11.09
C GLY A 92 12.86 -30.99 -11.54
N SER A 93 11.70 -30.59 -12.04
CA SER A 93 11.49 -29.23 -12.55
C SER A 93 11.14 -28.24 -11.44
N GLU A 94 10.75 -28.76 -10.27
CA GLU A 94 10.30 -27.93 -9.16
C GLU A 94 11.45 -27.48 -8.26
N VAL A 95 11.40 -26.20 -7.85
CA VAL A 95 12.32 -25.66 -6.83
C VAL A 95 11.55 -25.34 -5.55
N TYR A 96 12.15 -25.69 -4.41
CA TYR A 96 11.55 -25.46 -3.09
C TYR A 96 12.44 -24.49 -2.33
N MET A 97 11.81 -23.51 -1.68
CA MET A 97 12.56 -22.47 -1.01
C MET A 97 12.34 -22.54 0.49
N PRO A 98 13.39 -22.25 1.28
CA PRO A 98 13.36 -22.41 2.72
C PRO A 98 12.42 -21.42 3.41
N PHE A 99 11.54 -21.92 4.27
CA PHE A 99 10.63 -21.05 4.98
C PHE A 99 11.36 -20.09 5.92
N SER A 100 12.54 -20.48 6.38
CA SER A 100 13.31 -19.63 7.29
C SER A 100 13.74 -18.33 6.62
N TRP A 101 13.93 -18.37 5.30
CA TRP A 101 14.16 -17.16 4.54
C TRP A 101 12.84 -16.45 4.24
N MET A 102 11.85 -17.23 3.77
CA MET A 102 10.52 -16.71 3.42
C MET A 102 9.87 -15.88 4.53
N GLU A 103 9.97 -16.39 5.76
CA GLU A 103 9.40 -15.76 6.92
C GLU A 103 9.85 -14.30 7.06
N LYS A 104 11.15 -14.08 6.97
CA LYS A 104 11.68 -12.74 7.11
C LYS A 104 11.52 -11.91 5.82
N TYR A 105 11.59 -12.57 4.67
CA TYR A 105 11.54 -11.87 3.38
C TYR A 105 10.14 -11.39 3.01
N PHE A 106 9.14 -12.24 3.23
CA PHE A 106 7.76 -11.90 2.89
C PHE A 106 6.97 -11.39 4.10
N GLU A 107 7.56 -11.52 5.29
CA GLU A 107 6.90 -11.19 6.56
C GLU A 107 5.63 -12.03 6.73
N VAL A 108 5.80 -13.35 6.59
CA VAL A 108 4.71 -14.28 6.76
C VAL A 108 4.92 -15.15 7.98
N TYR A 109 4.01 -16.10 8.21
CA TYR A 109 3.99 -16.85 9.46
C TYR A 109 3.68 -18.31 9.18
N GLY A 110 4.24 -19.19 10.02
CA GLY A 110 4.07 -20.62 9.84
C GLY A 110 4.72 -21.46 10.93
N LYS A 111 4.16 -22.64 11.16
CA LYS A 111 4.63 -23.54 12.21
C LYS A 111 4.36 -24.98 11.80
N VAL A 112 5.20 -25.90 12.29
CA VAL A 112 4.89 -27.32 12.15
C VAL A 112 4.00 -27.74 13.30
N VAL A 113 2.81 -28.22 12.98
CA VAL A 113 1.92 -28.69 14.02
C VAL A 113 1.76 -30.19 13.88
N GLN A 114 2.12 -30.93 14.93
CA GLN A 114 1.96 -32.39 14.85
C GLN A 114 0.54 -32.73 15.16
N TYR A 115 -0.07 -33.47 14.26
CA TYR A 115 -1.38 -34.00 14.54
C TYR A 115 -1.16 -35.37 15.11
N ASP A 116 -2.19 -35.89 15.79
CA ASP A 116 -2.18 -37.22 16.36
C ASP A 116 -1.42 -38.18 15.46
N GLY A 117 -1.69 -38.10 14.16
CA GLY A 117 -1.10 -39.01 13.22
C GLY A 117 -0.10 -38.39 12.27
N TYR A 118 -0.54 -37.38 11.53
CA TYR A 118 0.31 -36.77 10.51
C TYR A 118 0.51 -35.34 10.92
N ASP A 119 1.75 -34.90 10.91
CA ASP A 119 2.01 -33.53 11.26
C ASP A 119 2.08 -32.70 9.98
N ARG A 120 1.94 -31.39 10.13
CA ARG A 120 1.61 -30.54 9.00
C ARG A 120 2.24 -29.18 9.15
N PHE A 121 2.65 -28.59 8.05
CA PHE A 121 3.10 -27.21 8.12
C PHE A 121 1.90 -26.31 7.85
N GLU A 122 1.56 -25.48 8.83
CA GLU A 122 0.47 -24.51 8.68
C GLU A 122 1.03 -23.13 8.40
N PHE A 123 0.71 -22.60 7.22
CA PHE A 123 1.20 -21.29 6.75
C PHE A 123 0.10 -20.24 6.88
N SER A 124 0.50 -19.04 7.30
CA SER A 124 -0.43 -17.93 7.43
C SER A 124 0.18 -16.63 6.94
N HIS A 125 -0.58 -15.89 6.15
CA HIS A 125 -0.17 -14.58 5.63
C HIS A 125 -0.09 -13.56 6.75
N SER A 126 -0.93 -13.71 7.75
CA SER A 126 -0.99 -12.74 8.83
C SER A 126 -1.10 -13.43 10.18
N TYR A 127 -1.23 -12.64 11.23
CA TYR A 127 -1.67 -13.15 12.52
C TYR A 127 -2.84 -12.24 12.89
N SER A 128 -3.57 -12.63 13.94
CA SER A 128 -4.75 -11.93 14.42
C SER A 128 -6.00 -12.37 13.71
N LYS A 129 -7.12 -12.24 14.40
CA LYS A 129 -8.38 -12.62 13.79
C LYS A 129 -9.40 -11.51 13.82
N VAL A 130 -10.33 -11.55 12.87
CA VAL A 130 -11.47 -10.64 12.89
C VAL A 130 -12.54 -11.19 13.84
N TYR A 131 -13.15 -10.29 14.59
CA TYR A 131 -14.17 -10.66 15.58
C TYR A 131 -15.47 -11.13 14.91
N ALA A 132 -16.01 -12.25 15.36
CA ALA A 132 -17.30 -12.71 14.90
C ALA A 132 -18.43 -12.04 15.70
N GLN A 133 -18.88 -10.89 15.22
CA GLN A 133 -20.07 -10.20 15.74
C GLN A 133 -21.30 -11.09 15.80
N ARG A 134 -22.13 -10.87 16.82
CA ARG A 134 -23.33 -11.70 17.01
C ARG A 134 -24.60 -10.88 16.85
N GLU A 135 -24.49 -9.57 16.94
CA GLU A 135 -25.66 -8.73 16.81
C GLU A 135 -25.26 -7.34 16.40
N GLN A 136 -26.25 -6.52 16.09
CA GLN A 136 -26.07 -5.09 15.87
C GLN A 136 -25.43 -4.46 17.10
N TYR A 137 -24.52 -3.51 16.88
CA TYR A 137 -23.86 -2.89 18.02
C TYR A 137 -24.84 -1.99 18.75
N HIS A 138 -24.75 -1.96 20.06
CA HIS A 138 -25.54 -1.00 20.84
C HIS A 138 -24.80 -0.68 22.13
N PRO A 139 -25.09 0.50 22.73
CA PRO A 139 -24.33 1.03 23.86
C PRO A 139 -24.22 0.18 25.13
N ASN A 140 -25.22 -0.63 25.47
CA ASN A 140 -25.12 -1.39 26.71
C ASN A 140 -24.62 -2.82 26.57
N GLY A 141 -24.33 -3.24 25.34
CA GLY A 141 -23.79 -4.58 25.10
C GLY A 141 -22.27 -4.63 25.10
N VAL A 142 -21.71 -5.74 24.60
CA VAL A 142 -20.28 -5.94 24.56
C VAL A 142 -19.63 -4.80 23.78
N PHE A 143 -18.42 -4.41 24.17
CA PHE A 143 -17.75 -3.38 23.42
C PHE A 143 -16.86 -3.92 22.29
N MET A 144 -17.39 -3.89 21.08
CA MET A 144 -16.68 -4.41 19.91
C MET A 144 -16.20 -5.81 20.30
N SER A 145 -14.90 -6.05 20.19
CA SER A 145 -14.33 -7.38 20.41
C SER A 145 -13.62 -7.51 21.74
N PHE A 146 -13.83 -6.56 22.64
CA PHE A 146 -13.07 -6.51 23.87
C PHE A 146 -13.33 -7.71 24.81
N GLU A 147 -14.36 -8.49 24.54
CA GLU A 147 -14.61 -9.72 25.32
C GLU A 147 -13.39 -10.64 25.19
N GLY A 148 -12.67 -10.52 24.08
CA GLY A 148 -11.48 -11.36 23.87
C GLY A 148 -10.16 -10.63 24.14
N TYR A 149 -10.23 -9.41 24.67
CA TYR A 149 -9.04 -8.66 25.04
C TYR A 149 -8.46 -9.14 26.36
N ASN A 150 -7.14 -9.09 26.46
CA ASN A 150 -6.54 -9.29 27.75
C ASN A 150 -5.64 -8.11 28.06
N VAL A 151 -6.24 -7.07 28.64
CA VAL A 151 -5.58 -5.79 28.84
C VAL A 151 -4.42 -5.90 29.84
N GLU A 152 -4.63 -6.66 30.91
CA GLU A 152 -3.64 -6.75 31.97
C GLU A 152 -2.32 -7.39 31.55
N VAL A 153 -2.35 -8.31 30.62
CA VAL A 153 -1.09 -8.97 30.22
C VAL A 153 -0.21 -8.13 29.31
N ARG A 154 -0.73 -7.01 28.83
CA ARG A 154 0.06 -6.13 27.95
C ARG A 154 1.33 -5.72 28.72
N ASP A 155 2.46 -5.71 28.01
CA ASP A 155 3.77 -5.39 28.61
C ASP A 155 3.81 -4.01 29.20
N ARG A 156 3.01 -3.10 28.65
CA ARG A 156 3.02 -1.72 29.09
C ARG A 156 2.01 -1.42 30.20
N VAL A 157 1.32 -2.44 30.74
CA VAL A 157 0.58 -2.28 32.00
C VAL A 157 1.52 -2.66 33.12
N LYS A 158 1.95 -1.66 33.89
CA LYS A 158 2.94 -1.89 34.94
C LYS A 158 2.38 -2.78 36.04
N CYS A 159 1.17 -2.44 36.49
CA CYS A 159 0.46 -3.19 37.52
C CYS A 159 -0.95 -2.64 37.66
N ILE A 160 -1.75 -3.30 38.48
CA ILE A 160 -3.02 -2.75 38.92
C ILE A 160 -2.79 -1.99 40.23
N SER A 161 -3.00 -0.67 40.21
CA SER A 161 -2.83 0.16 41.41
C SER A 161 -3.54 -0.42 42.64
N GLY A 162 -2.86 -0.45 43.77
CA GLY A 162 -3.46 -0.91 45.01
C GLY A 162 -4.47 0.09 45.56
N VAL A 163 -4.23 1.36 45.28
CA VAL A 163 -5.07 2.46 45.80
C VAL A 163 -6.34 2.63 44.97
N GLU A 164 -6.19 2.58 43.64
CA GLU A 164 -7.28 2.88 42.70
C GLU A 164 -7.96 1.65 42.06
N GLY A 165 -7.29 0.51 42.04
CA GLY A 165 -7.83 -0.72 41.43
C GLY A 165 -7.89 -0.66 39.90
N VAL A 166 -7.04 0.18 39.31
CA VAL A 166 -6.96 0.31 37.85
C VAL A 166 -5.50 0.18 37.38
N PRO A 167 -5.28 -0.21 36.11
CA PRO A 167 -3.91 -0.31 35.60
C PRO A 167 -3.18 1.03 35.59
N LEU A 168 -1.88 0.98 35.87
CA LEU A 168 -0.94 2.06 35.55
C LEU A 168 -0.12 1.63 34.38
N SER A 169 0.25 2.60 33.56
CA SER A 169 1.10 2.33 32.42
C SER A 169 2.53 2.39 32.86
N THR A 170 3.37 1.60 32.19
CA THR A 170 4.81 1.72 32.37
C THR A 170 5.32 3.04 31.78
N GLN A 171 6.52 3.43 32.20
CA GLN A 171 7.28 4.53 31.61
C GLN A 171 8.70 4.28 32.08
N TRP A 172 9.64 5.11 31.62
CA TRP A 172 10.99 5.08 32.15
C TRP A 172 11.00 5.43 33.64
N GLY A 173 11.78 4.68 34.40
CA GLY A 173 11.89 4.94 35.82
C GLY A 173 11.01 4.02 36.62
N PRO A 174 11.06 4.14 37.96
CA PRO A 174 10.40 3.26 38.92
C PRO A 174 8.91 3.53 39.09
N GLN A 175 8.40 4.50 38.35
CA GLN A 175 7.03 4.93 38.51
C GLN A 175 6.16 4.49 37.34
N GLY A 176 4.85 4.60 37.52
CA GLY A 176 3.92 4.45 36.43
C GLY A 176 3.01 5.66 36.35
N TYR A 177 2.24 5.79 35.28
CA TYR A 177 1.30 6.89 35.19
C TYR A 177 -0.05 6.36 34.77
N PHE A 178 -1.12 7.06 35.13
CA PHE A 178 -2.47 6.68 34.76
C PHE A 178 -2.76 7.08 33.32
N TYR A 179 -3.13 6.11 32.50
CA TYR A 179 -3.40 6.33 31.09
C TYR A 179 -4.87 5.96 30.84
N ALA A 180 -5.70 6.99 30.67
CA ALA A 180 -7.16 6.81 30.62
C ALA A 180 -7.60 5.85 29.52
N ILE A 181 -6.90 5.85 28.38
CA ILE A 181 -7.21 4.88 27.34
C ILE A 181 -7.15 3.44 27.92
N GLN A 182 -6.07 3.17 28.62
CA GLN A 182 -5.79 1.84 29.15
C GLN A 182 -6.78 1.51 30.25
N ILE A 183 -7.08 2.50 31.08
CA ILE A 183 -8.08 2.33 32.14
C ILE A 183 -9.45 2.05 31.53
N ALA A 184 -9.82 2.82 30.51
CA ALA A 184 -11.09 2.58 29.83
C ALA A 184 -11.11 1.19 29.19
N GLN A 185 -10.02 0.78 28.55
CA GLN A 185 -10.05 -0.53 27.89
C GLN A 185 -10.19 -1.65 28.92
N TYR A 186 -9.54 -1.51 30.05
CA TYR A 186 -9.65 -2.43 31.21
C TYR A 186 -11.11 -2.61 31.64
N GLY A 187 -11.81 -1.49 31.83
CA GLY A 187 -13.22 -1.53 32.20
C GLY A 187 -14.10 -2.16 31.12
N LEU A 188 -13.91 -1.70 29.89
CA LEU A 188 -14.69 -2.19 28.74
C LEU A 188 -14.53 -3.69 28.50
N SER A 189 -13.31 -4.21 28.63
CA SER A 189 -13.14 -5.64 28.41
C SER A 189 -13.75 -6.44 29.57
N HIS A 190 -13.61 -5.96 30.79
CA HIS A 190 -14.25 -6.67 31.92
C HIS A 190 -15.77 -6.59 31.83
N TYR A 191 -16.28 -5.44 31.41
CA TYR A 191 -17.72 -5.31 31.15
C TYR A 191 -18.16 -6.36 30.14
N SER A 192 -17.36 -6.52 29.08
CA SER A 192 -17.73 -7.39 27.97
C SER A 192 -17.66 -8.86 28.38
N LYS A 193 -16.61 -9.23 29.11
CA LYS A 193 -16.48 -10.58 29.65
C LYS A 193 -17.59 -10.93 30.65
N ASN A 194 -18.06 -9.94 31.41
CA ASN A 194 -19.19 -10.19 32.30
C ASN A 194 -20.41 -10.68 31.53
N LEU A 195 -20.57 -10.20 30.29
CA LEU A 195 -21.70 -10.56 29.45
C LEU A 195 -21.55 -11.87 28.73
N THR A 196 -20.31 -12.31 28.50
CA THR A 196 -20.08 -13.49 27.67
C THR A 196 -19.61 -14.75 28.41
N GLU A 197 -19.02 -14.60 29.59
CA GLU A 197 -18.47 -15.75 30.32
C GLU A 197 -19.46 -16.36 31.28
N ARG A 198 -19.29 -17.65 31.58
CA ARG A 198 -20.06 -18.30 32.65
C ARG A 198 -19.83 -17.52 33.94
N PRO A 199 -20.85 -17.46 34.84
CA PRO A 199 -20.61 -16.79 36.12
C PRO A 199 -19.47 -17.48 36.89
N PRO A 200 -18.74 -16.74 37.74
CA PRO A 200 -17.57 -17.32 38.41
C PRO A 200 -17.96 -18.29 39.51
N HIS A 201 -17.06 -19.19 39.89
CA HIS A 201 -17.22 -19.89 41.16
C HIS A 201 -16.81 -18.92 42.26
N VAL A 202 -17.59 -18.86 43.33
CA VAL A 202 -17.32 -17.94 44.45
C VAL A 202 -17.28 -18.73 45.76
N GLU A 203 -16.15 -18.68 46.43
CA GLU A 203 -15.96 -19.41 47.67
C GLU A 203 -15.77 -18.40 48.83
N VAL A 204 -16.65 -18.46 49.84
CA VAL A 204 -16.52 -17.59 51.02
C VAL A 204 -15.87 -18.38 52.13
N TYR A 205 -14.89 -17.77 52.81
CA TYR A 205 -14.13 -18.43 53.86
C TYR A 205 -14.47 -17.88 55.25
N ASP A 206 -14.16 -18.69 56.27
CA ASP A 206 -14.31 -18.28 57.67
C ASP A 206 -15.75 -17.97 58.02
N THR A 207 -16.69 -18.74 57.45
CA THR A 207 -18.11 -18.54 57.75
C THR A 207 -18.51 -19.30 59.02
N ALA A 208 -17.73 -20.33 59.38
CA ALA A 208 -18.04 -21.16 60.56
C ALA A 208 -17.85 -20.40 61.87
N GLU A 209 -18.74 -20.64 62.83
CA GLU A 209 -18.63 -20.02 64.14
C GLU A 209 -18.07 -20.96 65.19
N GLU A 210 -16.80 -20.78 65.53
CA GLU A 210 -16.17 -21.58 66.57
C GLU A 210 -16.84 -21.33 67.91
N ARG A 211 -16.94 -22.38 68.72
CA ARG A 211 -17.61 -22.26 70.01
C ARG A 211 -16.74 -21.55 71.04
N ASP A 212 -15.42 -21.61 70.82
CA ASP A 212 -14.49 -20.93 71.70
C ASP A 212 -13.16 -20.66 71.01
N SER A 213 -12.34 -19.83 71.65
CA SER A 213 -11.09 -19.36 71.06
C SER A 213 -10.12 -20.48 70.68
N ARG A 214 -10.01 -21.51 71.51
CA ARG A 214 -9.17 -22.67 71.20
C ARG A 214 -9.55 -23.36 69.89
N SER A 215 -10.81 -23.24 69.47
CA SER A 215 -11.32 -23.97 68.31
C SER A 215 -11.44 -23.11 67.06
N SER A 216 -10.79 -21.96 67.06
CA SER A 216 -10.82 -21.05 65.91
C SER A 216 -10.12 -21.64 64.67
N ALA A 217 -10.66 -21.36 63.49
CA ALA A 217 -10.00 -21.73 62.23
C ALA A 217 -8.71 -20.94 62.04
N TRP A 218 -8.60 -19.79 62.70
CA TRP A 218 -7.43 -18.93 62.59
C TRP A 218 -6.29 -19.39 63.49
N THR A 219 -5.07 -19.05 63.10
CA THR A 219 -3.88 -19.25 63.92
C THR A 219 -3.55 -17.92 64.59
N VAL A 220 -3.52 -17.93 65.91
CA VAL A 220 -3.35 -16.71 66.69
C VAL A 220 -2.16 -16.87 67.62
N PRO A 221 -1.02 -16.34 67.20
CA PRO A 221 0.20 -16.49 67.97
C PRO A 221 0.13 -15.58 69.18
N LYS A 222 1.00 -15.82 70.15
CA LYS A 222 0.87 -15.14 71.41
C LYS A 222 1.17 -13.68 71.20
N GLY A 223 0.40 -12.84 71.88
CA GLY A 223 0.56 -11.42 71.75
C GLY A 223 -0.36 -10.90 70.67
N CYS A 224 -1.12 -11.80 70.06
CA CYS A 224 -2.09 -11.42 69.06
C CYS A 224 -3.49 -11.81 69.51
N SER A 225 -4.50 -11.26 68.83
CA SER A 225 -5.89 -11.63 69.07
C SER A 225 -6.71 -11.63 67.79
N LEU A 226 -7.68 -12.53 67.73
CA LEU A 226 -8.62 -12.59 66.62
C LEU A 226 -9.95 -13.04 67.18
N THR A 227 -10.89 -12.11 67.30
CA THR A 227 -12.22 -12.46 67.82
C THR A 227 -13.30 -12.03 66.83
N ARG A 228 -14.42 -12.74 66.87
CA ARG A 228 -15.58 -12.34 66.12
C ARG A 228 -16.41 -11.34 66.93
N VAL A 229 -16.65 -10.16 66.38
CA VAL A 229 -17.48 -9.15 67.05
C VAL A 229 -18.63 -8.72 66.15
N TYR A 230 -19.73 -8.27 66.76
CA TYR A 230 -20.80 -7.70 65.98
C TYR A 230 -20.48 -6.23 65.74
N ASP A 231 -20.42 -5.84 64.49
CA ASP A 231 -20.12 -4.45 64.14
C ASP A 231 -21.44 -3.75 63.81
N LYS A 232 -21.87 -2.87 64.71
CA LYS A 232 -23.20 -2.26 64.62
C LYS A 232 -23.42 -1.44 63.36
N THR A 233 -22.44 -0.60 63.02
CA THR A 233 -22.59 0.29 61.87
C THR A 233 -22.72 -0.50 60.59
N ARG A 234 -21.96 -1.59 60.52
CA ARG A 234 -21.90 -2.48 59.39
C ARG A 234 -23.03 -3.51 59.44
N ALA A 235 -23.69 -3.60 60.59
CA ALA A 235 -24.85 -4.46 60.77
C ALA A 235 -24.56 -5.91 60.40
N THR A 236 -23.36 -6.37 60.75
CA THR A 236 -22.97 -7.75 60.50
C THR A 236 -21.88 -8.18 61.46
N SER A 237 -21.62 -9.47 61.51
CA SER A 237 -20.54 -10.03 62.30
C SER A 237 -19.22 -9.91 61.54
N VAL A 238 -18.14 -9.54 62.21
CA VAL A 238 -16.84 -9.37 61.55
C VAL A 238 -15.73 -9.87 62.45
N ARG A 239 -14.53 -10.00 61.90
CA ARG A 239 -13.36 -10.36 62.68
C ARG A 239 -12.53 -9.16 63.07
N GLU A 240 -12.28 -9.03 64.37
CA GLU A 240 -11.40 -7.98 64.88
C GLU A 240 -10.03 -8.58 65.14
N PHE A 241 -9.01 -7.98 64.56
CA PHE A 241 -7.69 -8.54 64.69
C PHE A 241 -6.73 -7.59 65.37
N SER A 242 -5.72 -8.16 66.03
CA SER A 242 -4.62 -7.39 66.58
C SER A 242 -3.34 -8.21 66.49
N ALA A 243 -2.34 -7.68 65.83
CA ALA A 243 -1.06 -8.39 65.67
C ALA A 243 0.06 -7.40 65.38
N PRO A 244 1.08 -7.33 66.25
CA PRO A 244 2.16 -6.38 66.05
C PRO A 244 2.89 -6.72 64.76
N GLU A 245 3.45 -5.70 64.11
CA GLU A 245 4.08 -5.87 62.80
C GLU A 245 5.30 -6.79 62.84
N ASN A 246 5.98 -6.85 63.98
CA ASN A 246 7.12 -7.75 64.14
C ASN A 246 6.73 -9.23 64.37
N SER A 247 5.49 -9.46 64.80
CA SER A 247 4.97 -10.82 65.02
C SER A 247 4.72 -11.55 63.71
N GLU A 248 4.34 -12.82 63.80
CA GLU A 248 3.98 -13.63 62.63
C GLU A 248 2.63 -13.24 62.03
N GLY A 249 1.82 -12.52 62.80
CA GLY A 249 0.51 -12.12 62.35
C GLY A 249 -0.53 -13.20 62.61
N VAL A 250 -1.79 -12.85 62.45
CA VAL A 250 -2.87 -13.84 62.52
C VAL A 250 -3.15 -14.36 61.13
N SER A 251 -3.37 -15.67 61.00
CA SER A 251 -3.53 -16.26 59.68
C SER A 251 -4.73 -17.18 59.53
N LEU A 252 -5.25 -17.26 58.32
CA LEU A 252 -6.39 -18.08 57.98
C LEU A 252 -6.08 -18.93 56.77
N PRO A 253 -6.17 -20.27 56.93
CA PRO A 253 -5.94 -21.14 55.78
C PRO A 253 -6.97 -20.92 54.68
N LEU A 254 -6.52 -20.98 53.43
CA LEU A 254 -7.42 -20.83 52.29
C LEU A 254 -7.47 -22.08 51.41
N GLY A 255 -6.34 -22.41 50.77
CA GLY A 255 -6.23 -23.68 50.06
C GLY A 255 -6.88 -23.82 48.69
N ASN A 256 -7.04 -22.70 47.98
CA ASN A 256 -7.69 -22.72 46.67
C ASN A 256 -6.66 -22.95 45.56
N THR A 257 -6.93 -23.97 44.74
CA THR A 257 -6.05 -24.33 43.63
C THR A 257 -6.69 -24.02 42.28
N LYS A 258 -7.93 -23.53 42.31
CA LYS A 258 -8.71 -23.31 41.10
C LYS A 258 -8.80 -21.83 40.73
N ASP A 259 -9.08 -21.00 41.72
CA ASP A 259 -9.47 -19.61 41.47
C ASP A 259 -8.53 -18.65 42.18
N PHE A 260 -8.33 -17.47 41.59
CA PHE A 260 -7.29 -16.57 42.05
C PHE A 260 -7.64 -15.09 42.17
N ILE A 261 -8.92 -14.75 42.13
CA ILE A 261 -9.33 -13.41 42.50
C ILE A 261 -9.73 -13.42 43.98
N ILE A 262 -8.92 -12.80 44.83
CA ILE A 262 -9.23 -12.70 46.25
C ILE A 262 -9.88 -11.37 46.60
N SER A 263 -10.83 -11.38 47.53
CA SER A 263 -11.44 -10.15 48.01
C SER A 263 -11.79 -10.26 49.48
N PHE A 264 -11.82 -9.11 50.15
CA PHE A 264 -12.16 -9.03 51.56
C PHE A 264 -12.58 -7.62 51.92
N ASP A 265 -13.51 -7.51 52.88
CA ASP A 265 -13.90 -6.22 53.42
C ASP A 265 -12.94 -5.91 54.54
N LEU A 266 -12.50 -4.67 54.59
CA LEU A 266 -11.37 -4.35 55.40
C LEU A 266 -11.49 -2.95 56.00
N LYS A 267 -11.08 -2.84 57.25
CA LYS A 267 -10.97 -1.54 57.91
C LYS A 267 -9.86 -1.57 58.94
N PHE A 268 -8.77 -0.89 58.61
CA PHE A 268 -7.63 -0.77 59.52
C PHE A 268 -7.86 0.35 60.55
N THR A 269 -7.30 0.17 61.74
CA THR A 269 -7.27 1.23 62.78
C THR A 269 -5.83 1.59 63.15
N SER A 270 -4.86 0.98 62.46
CA SER A 270 -3.44 1.31 62.59
C SER A 270 -2.79 0.99 61.26
N ASN A 271 -1.45 1.14 61.17
CA ASN A 271 -0.74 0.60 60.03
C ASN A 271 -0.69 -0.92 60.07
N GLY A 272 -0.68 -1.53 58.90
CA GLY A 272 -0.61 -2.99 58.80
C GLY A 272 -0.69 -3.51 57.38
N SER A 273 -1.13 -4.75 57.24
CA SER A 273 -1.10 -5.38 55.95
C SER A 273 -1.95 -6.64 55.90
N VAL A 274 -2.38 -6.98 54.69
CA VAL A 274 -2.95 -8.30 54.46
C VAL A 274 -2.04 -8.97 53.46
N SER A 275 -1.51 -10.11 53.83
CA SER A 275 -0.59 -10.84 52.97
C SER A 275 -1.21 -12.13 52.53
N VAL A 276 -0.92 -12.51 51.29
CA VAL A 276 -1.45 -13.72 50.68
C VAL A 276 -0.27 -14.61 50.25
N ILE A 277 -0.21 -15.81 50.81
CA ILE A 277 0.86 -16.76 50.48
C ILE A 277 0.45 -17.53 49.23
N LEU A 278 1.31 -17.52 48.22
CA LEU A 278 1.00 -18.10 46.91
C LEU A 278 2.01 -19.18 46.52
N GLU A 279 1.57 -20.43 46.39
CA GLU A 279 2.40 -21.45 45.77
C GLU A 279 2.34 -21.26 44.26
N THR A 280 3.47 -21.45 43.59
CA THR A 280 3.54 -21.18 42.16
C THR A 280 4.22 -22.34 41.43
N THR A 281 4.25 -22.25 40.11
CA THR A 281 4.92 -23.24 39.28
C THR A 281 6.44 -23.15 39.40
N GLU A 282 6.94 -22.07 40.01
CA GLU A 282 8.37 -21.95 40.31
C GLU A 282 8.73 -22.83 41.49
N LYS A 283 9.86 -23.53 41.37
CA LYS A 283 10.39 -24.38 42.44
C LYS A 283 10.94 -23.51 43.55
N GLY A 284 10.88 -24.00 44.78
CA GLY A 284 11.34 -23.25 45.94
C GLY A 284 10.18 -22.79 46.79
N PRO A 285 10.40 -21.77 47.64
CA PRO A 285 9.40 -21.28 48.56
C PRO A 285 8.24 -20.55 47.84
N PRO A 286 7.06 -20.48 48.49
CA PRO A 286 5.95 -19.75 47.91
C PRO A 286 6.30 -18.26 47.73
N PHE A 287 5.62 -17.58 46.82
CA PHE A 287 5.66 -16.13 46.75
C PHE A 287 4.66 -15.56 47.75
N VAL A 288 4.94 -14.38 48.28
CA VAL A 288 4.01 -13.75 49.22
C VAL A 288 3.67 -12.36 48.71
N ILE A 289 2.38 -12.09 48.52
CA ILE A 289 1.96 -10.76 48.12
C ILE A 289 1.48 -10.00 49.35
N HIS A 290 2.10 -8.86 49.61
CA HIS A 290 1.72 -8.03 50.76
C HIS A 290 0.94 -6.81 50.30
N TYR A 291 -0.26 -6.65 50.87
CA TYR A 291 -1.09 -5.47 50.61
C TYR A 291 -1.07 -4.59 51.84
N VAL A 292 -0.30 -3.51 51.74
CA VAL A 292 0.13 -2.75 52.92
C VAL A 292 -0.45 -1.34 52.94
N THR A 293 -0.57 -0.77 54.13
CA THR A 293 -1.22 0.53 54.29
C THR A 293 -0.31 1.73 53.97
N THR A 294 0.28 1.72 52.77
CA THR A 294 1.10 2.81 52.29
C THR A 294 0.58 3.17 50.92
N THR A 295 1.13 4.21 50.31
CA THR A 295 0.76 4.53 48.93
C THR A 295 1.82 4.06 47.96
N GLN A 296 2.78 3.24 48.41
CA GLN A 296 3.77 2.68 47.50
C GLN A 296 3.10 1.90 46.38
N LEU A 297 3.55 2.13 45.16
CA LEU A 297 2.99 1.49 44.00
C LEU A 297 3.20 -0.05 43.98
N ILE A 298 4.44 -0.47 43.82
CA ILE A 298 4.74 -1.89 43.70
C ILE A 298 6.22 -2.13 44.04
N LEU A 299 6.47 -3.20 44.79
CA LEU A 299 7.82 -3.58 45.16
C LEU A 299 8.03 -5.07 44.95
N LEU A 300 9.28 -5.44 44.67
CA LEU A 300 9.71 -6.82 44.57
C LEU A 300 11.02 -6.98 45.32
N LYS A 301 11.06 -8.01 46.16
CA LYS A 301 12.28 -8.39 46.80
C LYS A 301 12.22 -9.85 47.18
N ASP A 302 13.07 -10.63 46.54
CA ASP A 302 13.08 -12.09 46.59
C ASP A 302 11.68 -12.55 46.25
N ARG A 303 11.06 -13.31 47.13
CA ARG A 303 9.71 -13.75 46.87
C ARG A 303 8.63 -12.95 47.55
N ASP A 304 8.94 -11.71 47.92
CA ASP A 304 7.94 -10.81 48.47
C ASP A 304 7.56 -9.72 47.46
N ILE A 305 6.29 -9.70 47.10
CA ILE A 305 5.77 -8.67 46.21
C ILE A 305 4.90 -7.75 47.08
N THR A 306 5.11 -6.45 46.97
CA THR A 306 4.34 -5.51 47.80
C THR A 306 3.54 -4.52 46.95
N TYR A 307 2.27 -4.32 47.34
CA TYR A 307 1.43 -3.29 46.80
C TYR A 307 0.89 -2.40 47.92
N GLY A 308 1.01 -1.07 47.76
CA GLY A 308 0.34 -0.18 48.69
C GLY A 308 -1.13 -0.05 48.33
N ILE A 309 -2.00 -0.15 49.33
CA ILE A 309 -3.42 -0.05 49.11
C ILE A 309 -3.99 1.15 49.87
N GLY A 310 -3.10 1.98 50.40
CA GLY A 310 -3.48 3.17 51.15
C GLY A 310 -3.93 2.86 52.57
N PRO A 311 -4.38 3.88 53.32
CA PRO A 311 -4.75 3.77 54.73
C PRO A 311 -5.87 2.75 55.04
N ARG A 312 -6.87 2.65 54.17
CA ARG A 312 -7.98 1.77 54.39
C ARG A 312 -8.59 1.94 55.79
N THR A 313 -8.81 3.20 56.20
CA THR A 313 -9.31 3.48 57.55
C THR A 313 -10.84 3.62 57.60
N THR A 314 -11.48 3.61 56.43
CA THR A 314 -12.92 3.42 56.39
C THR A 314 -13.19 2.13 55.62
N TRP A 315 -14.29 1.46 55.95
CA TRP A 315 -14.65 0.18 55.34
C TRP A 315 -14.65 0.22 53.81
N THR A 316 -13.95 -0.72 53.18
CA THR A 316 -14.03 -0.89 51.73
C THR A 316 -13.94 -2.37 51.39
N THR A 317 -14.28 -2.72 50.15
CA THR A 317 -14.03 -4.06 49.62
C THR A 317 -12.79 -4.03 48.75
N VAL A 318 -11.75 -4.75 49.15
CA VAL A 318 -10.53 -4.90 48.34
C VAL A 318 -10.68 -6.11 47.45
N THR A 319 -10.35 -5.97 46.18
CA THR A 319 -10.44 -7.07 45.22
C THR A 319 -9.14 -7.10 44.43
N ARG A 320 -8.45 -8.23 44.45
CA ARG A 320 -7.16 -8.36 43.79
C ARG A 320 -7.09 -9.63 42.93
N ASP A 321 -6.59 -9.46 41.72
CA ASP A 321 -6.32 -10.57 40.84
C ASP A 321 -4.92 -11.06 41.13
N LEU A 322 -4.82 -12.20 41.84
CA LEU A 322 -3.52 -12.75 42.25
C LEU A 322 -2.63 -13.17 41.09
N LEU A 323 -3.25 -13.59 39.99
CA LEU A 323 -2.52 -13.97 38.78
C LEU A 323 -1.77 -12.75 38.24
N THR A 324 -2.51 -11.66 38.06
CA THR A 324 -1.93 -10.41 37.56
C THR A 324 -0.96 -9.84 38.57
N ASP A 325 -1.37 -9.77 39.84
CA ASP A 325 -0.53 -9.21 40.90
C ASP A 325 0.82 -9.95 41.01
N LEU A 326 0.78 -11.29 40.92
CA LEU A 326 2.02 -12.09 40.94
C LEU A 326 2.94 -11.79 39.76
N ARG A 327 2.42 -11.85 38.54
CA ARG A 327 3.24 -11.70 37.36
C ARG A 327 3.89 -10.31 37.22
N LYS A 328 3.11 -9.26 37.53
CA LYS A 328 3.61 -7.91 37.45
C LYS A 328 4.68 -7.72 38.50
N GLY A 329 4.52 -8.39 39.64
CA GLY A 329 5.55 -8.36 40.67
C GLY A 329 6.84 -9.00 40.18
N ILE A 330 6.75 -10.24 39.71
CA ILE A 330 7.93 -10.98 39.22
C ILE A 330 8.62 -10.23 38.07
N GLY A 331 7.83 -9.63 37.19
CA GLY A 331 8.40 -8.97 36.02
C GLY A 331 8.68 -7.49 36.22
N LEU A 332 8.69 -7.05 37.47
CA LEU A 332 8.94 -5.64 37.78
C LEU A 332 10.27 -5.10 37.26
N SER A 333 10.20 -3.98 36.55
CA SER A 333 11.40 -3.29 36.08
C SER A 333 11.18 -1.77 36.06
N ASN A 334 12.25 -1.04 35.83
CA ASN A 334 12.17 0.40 35.78
C ASN A 334 12.21 0.86 34.32
N THR A 335 11.60 0.07 33.44
CA THR A 335 11.55 0.40 32.01
C THR A 335 10.11 0.44 31.51
N LYS A 336 9.99 0.64 30.20
CA LYS A 336 8.69 0.68 29.53
C LYS A 336 8.05 -0.70 29.34
N ALA A 337 8.77 -1.76 29.70
CA ALA A 337 8.33 -3.12 29.41
C ALA A 337 8.48 -4.07 30.59
N VAL A 338 7.37 -4.54 31.13
CA VAL A 338 7.34 -5.57 32.18
C VAL A 338 7.90 -6.87 31.59
N LYS A 339 8.83 -7.52 32.28
CA LYS A 339 9.38 -8.79 31.81
C LYS A 339 8.36 -9.92 31.87
N ALA A 340 8.26 -10.68 30.79
CA ALA A 340 7.33 -11.80 30.71
C ALA A 340 7.77 -12.91 31.66
N THR A 341 6.80 -13.63 32.22
CA THR A 341 7.11 -14.77 33.06
C THR A 341 6.28 -15.96 32.64
N LYS A 342 6.79 -17.15 32.89
CA LYS A 342 6.00 -18.36 32.68
C LYS A 342 5.49 -18.89 34.02
N THR A 343 5.86 -18.19 35.09
CA THR A 343 5.41 -18.56 36.41
C THR A 343 3.91 -18.34 36.53
N MET A 344 3.22 -19.34 37.09
CA MET A 344 1.78 -19.26 37.31
C MET A 344 1.47 -19.55 38.77
N PRO A 345 0.39 -18.95 39.32
CA PRO A 345 0.00 -19.38 40.65
C PRO A 345 -0.56 -20.79 40.62
N ARG A 346 -0.29 -21.55 41.67
CA ARG A 346 -0.70 -22.95 41.74
C ARG A 346 -1.69 -23.15 42.90
N ARG A 347 -1.46 -22.45 44.02
CA ARG A 347 -2.35 -22.57 45.18
C ARG A 347 -2.37 -21.31 46.05
N VAL A 348 -3.56 -20.81 46.36
CA VAL A 348 -3.67 -19.77 47.37
C VAL A 348 -3.64 -20.44 48.73
N VAL A 349 -2.52 -20.31 49.44
CA VAL A 349 -2.31 -21.11 50.66
C VAL A 349 -3.09 -20.57 51.85
N LYS A 350 -2.83 -19.31 52.20
CA LYS A 350 -3.45 -18.70 53.37
C LYS A 350 -3.33 -17.19 53.29
N LEU A 351 -4.07 -16.48 54.12
CA LEU A 351 -3.82 -15.05 54.31
C LEU A 351 -3.33 -14.76 55.73
N VAL A 352 -2.47 -13.75 55.84
CA VAL A 352 -1.87 -13.34 57.10
C VAL A 352 -2.17 -11.84 57.28
N VAL A 353 -2.57 -11.46 58.49
CA VAL A 353 -2.90 -10.07 58.81
C VAL A 353 -2.02 -9.53 59.94
N HIS A 354 -1.48 -8.33 59.72
CA HIS A 354 -0.74 -7.59 60.75
C HIS A 354 -1.43 -6.24 61.00
N GLY A 355 -1.29 -5.73 62.21
CA GLY A 355 -1.84 -4.44 62.60
C GLY A 355 -3.08 -4.65 63.44
N THR A 356 -3.86 -3.59 63.57
CA THR A 356 -5.19 -3.69 64.17
C THR A 356 -6.28 -3.23 63.20
N GLY A 357 -7.43 -3.88 63.27
CA GLY A 357 -8.58 -3.45 62.49
C GLY A 357 -9.60 -4.56 62.41
N THR A 358 -10.44 -4.53 61.38
CA THR A 358 -11.46 -5.56 61.17
C THR A 358 -11.47 -6.03 59.72
N ILE A 359 -11.87 -7.28 59.54
CA ILE A 359 -11.92 -7.91 58.23
C ILE A 359 -13.18 -8.77 58.17
N ASP A 360 -13.75 -8.90 56.98
CA ASP A 360 -14.98 -9.66 56.81
C ASP A 360 -15.08 -10.15 55.38
N ASN A 361 -15.96 -11.13 55.13
CA ASN A 361 -16.30 -11.57 53.78
C ASN A 361 -15.06 -11.93 52.94
N ILE A 362 -14.17 -12.74 53.52
CA ILE A 362 -12.96 -13.20 52.82
C ILE A 362 -13.40 -14.22 51.76
N THR A 363 -13.09 -13.93 50.50
CA THR A 363 -13.66 -14.70 49.38
C THR A 363 -12.65 -14.87 48.23
N ILE A 364 -12.71 -16.01 47.57
CA ILE A 364 -11.91 -16.24 46.35
C ILE A 364 -12.84 -16.63 45.21
N SER A 365 -12.74 -15.92 44.08
CA SER A 365 -13.59 -16.13 42.92
C SER A 365 -12.79 -16.40 41.63
N THR A 366 -13.45 -17.00 40.64
CA THR A 366 -12.80 -17.27 39.37
C THR A 366 -12.51 -15.93 38.69
N THR A 367 -13.51 -15.05 38.73
CA THR A 367 -13.43 -13.74 38.09
C THR A 367 -14.18 -12.74 38.95
N SER A 368 -13.93 -11.45 38.74
CA SER A 368 -14.70 -10.41 39.40
C SER A 368 -14.87 -9.19 38.49
N HIS A 369 -15.52 -9.43 37.35
CA HIS A 369 -15.53 -8.48 36.25
C HIS A 369 -16.14 -7.13 36.57
N MET A 370 -17.28 -7.13 37.28
CA MET A 370 -17.99 -5.89 37.54
C MET A 370 -17.25 -4.97 38.49
N ALA A 371 -16.55 -5.56 39.47
CA ALA A 371 -15.69 -4.78 40.35
C ALA A 371 -14.63 -4.02 39.55
N ALA A 372 -14.01 -4.69 38.59
CA ALA A 372 -12.99 -4.06 37.74
C ALA A 372 -13.60 -2.97 36.88
N PHE A 373 -14.78 -3.26 36.34
CA PHE A 373 -15.50 -2.31 35.49
C PHE A 373 -15.82 -1.02 36.28
N TYR A 374 -16.37 -1.18 37.48
CA TYR A 374 -16.69 -0.01 38.31
C TYR A 374 -15.46 0.70 38.87
N ALA A 375 -14.37 -0.04 39.08
CA ALA A 375 -13.12 0.59 39.45
C ALA A 375 -12.69 1.54 38.33
N ALA A 376 -12.84 1.11 37.09
CA ALA A 376 -12.46 1.90 35.93
C ALA A 376 -13.40 3.10 35.79
N SER A 377 -14.70 2.83 35.91
CA SER A 377 -15.72 3.87 35.79
C SER A 377 -15.58 4.92 36.86
N ASP A 378 -15.36 4.48 38.10
CA ASP A 378 -15.22 5.44 39.21
C ASP A 378 -13.94 6.25 39.11
N TRP A 379 -12.85 5.61 38.66
CA TRP A 379 -11.63 6.36 38.39
C TRP A 379 -11.87 7.48 37.38
N LEU A 380 -12.59 7.18 36.30
CA LEU A 380 -12.85 8.18 35.26
C LEU A 380 -13.63 9.38 35.81
N VAL A 381 -14.66 9.12 36.62
CA VAL A 381 -15.45 10.18 37.23
C VAL A 381 -14.56 11.06 38.07
N ARG A 382 -13.73 10.41 38.90
CA ARG A 382 -12.93 11.11 39.90
C ARG A 382 -11.72 11.84 39.36
N ASN A 383 -11.32 11.51 38.13
CA ASN A 383 -10.10 12.09 37.55
C ASN A 383 -10.29 12.98 36.33
N GLN A 384 -11.54 13.15 35.90
CA GLN A 384 -11.88 14.09 34.84
C GLN A 384 -11.63 15.53 35.30
N ASP A 385 -11.05 16.35 34.44
CA ASP A 385 -10.73 17.72 34.82
C ASP A 385 -11.88 18.67 34.53
N GLU A 386 -11.68 19.95 34.79
CA GLU A 386 -12.74 20.95 34.66
C GLU A 386 -13.22 21.14 33.22
N ARG A 387 -12.35 20.86 32.26
CA ARG A 387 -12.74 21.00 30.85
C ARG A 387 -13.33 19.72 30.24
N GLY A 388 -13.56 18.71 31.09
CA GLY A 388 -14.13 17.47 30.63
C GLY A 388 -13.09 16.48 30.11
N GLY A 389 -11.81 16.80 30.28
CA GLY A 389 -10.75 15.96 29.71
C GLY A 389 -10.05 15.07 30.71
N TRP A 390 -9.47 13.97 30.24
CA TRP A 390 -8.52 13.18 31.02
C TRP A 390 -7.12 13.45 30.49
N PRO A 391 -6.39 14.35 31.18
CA PRO A 391 -5.08 14.78 30.72
C PRO A 391 -4.02 13.69 30.89
N ILE A 392 -3.18 13.52 29.87
CA ILE A 392 -2.06 12.58 29.95
C ILE A 392 -0.86 13.33 30.49
N MET A 393 -0.43 12.93 31.69
CA MET A 393 0.54 13.70 32.45
C MET A 393 1.99 13.30 32.18
N VAL A 394 2.26 12.68 31.04
CA VAL A 394 3.64 12.46 30.63
C VAL A 394 3.83 13.00 29.22
N THR A 395 5.06 13.35 28.87
CA THR A 395 5.30 13.83 27.52
C THR A 395 5.37 12.64 26.57
N ARG A 396 4.73 12.79 25.42
CA ARG A 396 4.73 11.78 24.38
C ARG A 396 5.29 12.38 23.10
N LYS A 397 6.37 11.80 22.60
CA LYS A 397 7.01 12.21 21.36
C LYS A 397 6.71 11.16 20.28
N LEU A 398 5.69 11.45 19.46
CA LEU A 398 5.13 10.46 18.54
C LEU A 398 6.12 9.94 17.51
N GLY A 399 7.03 10.81 17.07
CA GLY A 399 8.04 10.44 16.09
C GLY A 399 8.64 11.67 15.44
N GLU A 400 9.69 11.42 14.67
CA GLU A 400 10.42 12.45 13.95
C GLU A 400 9.46 13.26 13.10
N GLY A 401 9.45 14.56 13.29
CA GLY A 401 8.60 15.45 12.51
C GLY A 401 7.45 16.00 13.33
N PHE A 402 7.08 15.31 14.41
CA PHE A 402 6.02 15.78 15.29
C PHE A 402 6.64 16.46 16.52
N ARG A 403 6.09 17.60 16.92
CA ARG A 403 6.49 18.20 18.21
C ARG A 403 6.09 17.30 19.38
N ALA A 404 6.86 17.38 20.46
CA ALA A 404 6.54 16.68 21.70
C ALA A 404 5.16 17.11 22.21
N LEU A 405 4.38 16.17 22.72
CA LEU A 405 3.16 16.53 23.42
C LEU A 405 3.53 16.72 24.89
N GLU A 406 3.48 17.95 25.39
CA GLU A 406 3.81 18.23 26.79
C GLU A 406 2.73 17.65 27.71
N PRO A 407 3.08 17.33 28.97
CA PRO A 407 2.09 16.82 29.92
C PRO A 407 0.83 17.69 29.95
N GLY A 408 -0.33 17.04 30.00
CA GLY A 408 -1.61 17.74 29.99
C GLY A 408 -2.41 17.60 28.70
N TRP A 409 -1.82 16.97 27.68
CA TRP A 409 -2.53 16.77 26.41
C TRP A 409 -3.72 15.81 26.55
N TYR A 410 -4.75 16.03 25.74
CA TYR A 410 -5.91 15.16 25.68
C TYR A 410 -5.84 14.25 24.47
N SER A 411 -6.56 13.14 24.51
CA SER A 411 -6.65 12.24 23.38
C SER A 411 -8.11 11.92 23.05
N ALA A 412 -8.46 12.02 21.76
CA ALA A 412 -9.82 11.70 21.31
C ALA A 412 -10.22 10.27 21.68
N MET A 413 -9.27 9.36 21.61
CA MET A 413 -9.48 7.98 21.96
C MET A 413 -9.78 7.83 23.44
N ALA A 414 -9.04 8.56 24.27
CA ALA A 414 -9.27 8.56 25.71
C ALA A 414 -10.66 9.10 26.00
N GLN A 415 -11.00 10.23 25.39
CA GLN A 415 -12.31 10.84 25.59
C GLN A 415 -13.44 9.86 25.22
N GLY A 416 -13.34 9.29 24.02
CA GLY A 416 -14.34 8.34 23.53
C GLY A 416 -14.44 7.02 24.29
N GLN A 417 -13.29 6.40 24.58
CA GLN A 417 -13.27 5.15 25.34
C GLN A 417 -13.88 5.35 26.73
N ALA A 418 -13.56 6.48 27.34
CA ALA A 418 -14.21 6.88 28.60
C ALA A 418 -15.75 7.04 28.46
N MET A 419 -16.20 7.73 27.41
CA MET A 419 -17.64 7.86 27.15
C MET A 419 -18.32 6.48 27.09
N SER A 420 -17.68 5.55 26.39
CA SER A 420 -18.25 4.22 26.24
C SER A 420 -18.34 3.50 27.56
N THR A 421 -17.35 3.72 28.43
CA THR A 421 -17.31 3.11 29.75
C THR A 421 -18.37 3.76 30.68
N LEU A 422 -18.38 5.10 30.68
CA LEU A 422 -19.28 5.87 31.54
C LEU A 422 -20.74 5.66 31.22
N VAL A 423 -21.05 5.65 29.93
CA VAL A 423 -22.40 5.38 29.42
C VAL A 423 -22.87 4.01 29.91
N ARG A 424 -22.02 3.00 29.79
CA ARG A 424 -22.32 1.67 30.33
C ARG A 424 -22.51 1.66 31.84
N ALA A 425 -21.72 2.45 32.57
CA ALA A 425 -21.86 2.56 34.01
C ALA A 425 -23.20 3.22 34.39
N TYR A 426 -23.55 4.27 33.65
CA TYR A 426 -24.82 4.95 33.87
C TYR A 426 -26.03 4.06 33.60
N LEU A 427 -26.01 3.29 32.51
CA LEU A 427 -27.13 2.38 32.21
C LEU A 427 -27.30 1.23 33.21
N MET A 428 -26.23 0.84 33.88
CA MET A 428 -26.33 -0.20 34.91
C MET A 428 -26.92 0.33 36.21
N THR A 429 -26.59 1.58 36.55
CA THR A 429 -26.81 2.11 37.89
C THR A 429 -27.77 3.30 37.95
N LYS A 430 -27.93 4.01 36.84
CA LYS A 430 -28.70 5.25 36.80
C LYS A 430 -28.09 6.32 37.70
N ASP A 431 -26.83 6.14 38.07
CA ASP A 431 -26.13 7.15 38.83
C ASP A 431 -25.72 8.27 37.86
N ASP A 432 -26.30 9.46 38.06
CA ASP A 432 -26.08 10.63 37.19
C ASP A 432 -24.63 11.08 37.06
N ARG A 433 -23.79 10.78 38.05
CA ARG A 433 -22.37 11.16 37.97
C ARG A 433 -21.70 10.59 36.72
N TYR A 434 -22.11 9.40 36.29
CA TYR A 434 -21.52 8.76 35.11
C TYR A 434 -21.95 9.45 33.82
N LEU A 435 -23.24 9.77 33.70
CA LEU A 435 -23.76 10.47 32.54
C LEU A 435 -23.20 11.89 32.42
N LYS A 436 -23.14 12.62 33.54
CA LYS A 436 -22.55 13.96 33.57
C LYS A 436 -21.09 13.95 33.08
N ALA A 437 -20.31 12.98 33.55
CA ALA A 437 -18.92 12.85 33.15
C ALA A 437 -18.85 12.56 31.65
N ALA A 438 -19.68 11.65 31.16
CA ALA A 438 -19.72 11.34 29.74
C ALA A 438 -20.09 12.59 28.93
N LEU A 439 -21.13 13.30 29.37
CA LEU A 439 -21.58 14.52 28.71
C LEU A 439 -20.51 15.56 28.60
N ARG A 440 -19.78 15.79 29.69
CA ARG A 440 -18.69 16.77 29.69
C ARG A 440 -17.46 16.36 28.86
N ALA A 441 -17.26 15.06 28.66
CA ALA A 441 -16.08 14.54 27.94
C ALA A 441 -16.00 15.05 26.48
N THR A 442 -17.07 15.69 26.08
CA THR A 442 -17.25 16.23 24.74
C THR A 442 -16.44 17.52 24.54
N GLY A 443 -15.98 18.12 25.65
CA GLY A 443 -15.28 19.41 25.66
C GLY A 443 -14.09 19.55 24.71
N PRO A 444 -13.06 18.72 24.87
CA PRO A 444 -11.84 18.82 24.03
C PRO A 444 -12.07 18.67 22.52
N PHE A 445 -13.18 18.05 22.11
CA PHE A 445 -13.49 17.89 20.70
C PHE A 445 -13.72 19.23 19.98
N LYS A 446 -14.07 20.26 20.75
CA LYS A 446 -14.48 21.54 20.19
C LYS A 446 -13.31 22.48 19.97
N LEU A 447 -12.14 22.06 20.39
CA LEU A 447 -10.96 22.90 20.33
C LEU A 447 -9.85 22.30 19.47
N PRO A 448 -9.16 23.15 18.69
CA PRO A 448 -8.02 22.67 17.90
C PRO A 448 -6.94 22.06 18.79
N SER A 449 -6.16 21.14 18.22
CA SER A 449 -5.03 20.52 18.92
C SER A 449 -4.08 21.53 19.54
N GLU A 450 -3.79 22.62 18.82
CA GLU A 450 -2.84 23.62 19.35
C GLU A 450 -3.42 24.44 20.52
N GLN A 451 -4.72 24.40 20.70
CA GLN A 451 -5.37 25.08 21.83
C GLN A 451 -5.87 24.15 22.95
N HIS A 452 -5.10 23.09 23.24
CA HIS A 452 -5.44 22.13 24.32
C HIS A 452 -6.75 21.41 24.02
N GLY A 453 -6.93 21.07 22.75
CA GLY A 453 -8.08 20.31 22.31
C GLY A 453 -7.67 19.06 21.56
N VAL A 454 -8.60 18.56 20.76
CA VAL A 454 -8.38 17.29 20.08
C VAL A 454 -8.74 17.35 18.57
N LYS A 455 -9.18 18.53 18.13
CA LYS A 455 -9.65 18.65 16.75
C LYS A 455 -8.56 18.99 15.76
N ALA A 456 -8.47 18.19 14.71
CA ALA A 456 -7.60 18.47 13.60
C ALA A 456 -8.46 18.69 12.37
N VAL A 457 -7.89 19.27 11.33
CA VAL A 457 -8.63 19.45 10.10
C VAL A 457 -7.75 18.96 8.95
N PHE A 458 -8.31 18.09 8.12
CA PHE A 458 -7.55 17.53 7.01
C PHE A 458 -7.72 18.40 5.77
N MET A 459 -6.62 18.96 5.28
CA MET A 459 -6.60 19.78 4.07
C MET A 459 -7.67 20.85 4.06
N ASN A 460 -7.80 21.59 5.16
CA ASN A 460 -8.80 22.66 5.24
C ASN A 460 -10.25 22.30 5.03
N LYS A 461 -10.59 21.02 5.12
CA LYS A 461 -11.91 20.58 4.71
C LYS A 461 -12.63 19.68 5.69
N TYR A 462 -11.90 18.74 6.30
CA TYR A 462 -12.53 17.69 7.11
C TYR A 462 -12.05 17.65 8.54
N ASP A 463 -12.99 17.89 9.48
CA ASP A 463 -12.74 17.77 10.91
C ASP A 463 -12.38 16.33 11.26
N TRP A 464 -11.42 16.21 12.18
CA TRP A 464 -10.92 14.91 12.64
C TRP A 464 -10.66 15.02 14.12
N TYR A 465 -10.82 13.92 14.84
CA TYR A 465 -10.55 13.91 16.27
C TYR A 465 -9.32 13.05 16.55
N GLU A 466 -8.30 13.67 17.13
CA GLU A 466 -6.95 13.12 17.15
C GLU A 466 -6.71 12.23 18.36
N GLU A 467 -6.28 10.99 18.10
CA GLU A 467 -5.74 10.15 19.16
C GLU A 467 -4.50 10.83 19.74
N TYR A 468 -3.67 11.42 18.85
CA TYR A 468 -2.51 12.20 19.26
C TYR A 468 -2.60 13.62 18.63
N PRO A 469 -2.99 14.64 19.43
CA PRO A 469 -3.24 15.99 18.91
C PRO A 469 -1.94 16.68 18.60
N THR A 470 -1.22 16.17 17.61
CA THR A 470 0.15 16.59 17.38
C THR A 470 0.22 17.86 16.52
N ILE A 471 1.40 18.49 16.51
CA ILE A 471 1.72 19.58 15.59
C ILE A 471 2.94 19.13 14.77
N PRO A 472 2.75 18.86 13.46
CA PRO A 472 1.46 18.91 12.76
C PRO A 472 0.56 17.68 13.05
N SER A 473 -0.63 17.65 12.47
CA SER A 473 -1.59 16.59 12.74
C SER A 473 -1.17 15.24 12.17
N SER A 474 -1.65 14.18 12.82
CA SER A 474 -1.19 12.82 12.58
C SER A 474 -2.29 11.92 11.99
N PHE A 475 -3.54 12.16 12.40
CA PHE A 475 -4.67 11.45 11.84
C PHE A 475 -4.62 9.92 12.02
N VAL A 476 -4.39 9.46 13.25
CA VAL A 476 -4.44 8.03 13.50
C VAL A 476 -5.86 7.51 13.30
N LEU A 477 -6.00 6.47 12.48
CA LEU A 477 -7.32 5.98 12.16
C LEU A 477 -8.05 5.37 13.36
N ASN A 478 -7.42 4.42 14.03
CA ASN A 478 -8.15 3.65 15.05
C ASN A 478 -8.68 4.52 16.21
N GLY A 479 -7.86 5.43 16.71
CA GLY A 479 -8.25 6.30 17.82
C GLY A 479 -9.40 7.21 17.42
N PHE A 480 -9.40 7.63 16.16
CA PHE A 480 -10.50 8.42 15.62
C PHE A 480 -11.80 7.66 15.69
N ILE A 481 -11.78 6.42 15.18
CA ILE A 481 -13.00 5.63 15.12
C ILE A 481 -13.50 5.33 16.55
N TYR A 482 -12.58 5.06 17.47
CA TYR A 482 -12.96 4.82 18.87
C TYR A 482 -13.63 6.05 19.48
N SER A 483 -13.18 7.26 19.09
CA SER A 483 -13.78 8.49 19.58
C SER A 483 -15.20 8.60 19.06
N LEU A 484 -15.42 8.17 17.82
CA LEU A 484 -16.76 8.17 17.20
C LEU A 484 -17.69 7.19 17.90
N ILE A 485 -17.22 5.98 18.18
CA ILE A 485 -18.05 4.99 18.90
C ILE A 485 -18.51 5.52 20.25
N GLY A 486 -17.60 6.20 20.95
CA GLY A 486 -17.94 6.83 22.22
C GLY A 486 -18.99 7.92 22.07
N LEU A 487 -18.83 8.79 21.09
CA LEU A 487 -19.84 9.82 20.83
C LEU A 487 -21.20 9.20 20.50
N PHE A 488 -21.18 8.12 19.72
CA PHE A 488 -22.39 7.39 19.40
C PHE A 488 -23.04 6.88 20.69
N ASP A 489 -22.29 6.12 21.49
CA ASP A 489 -22.78 5.58 22.75
C ASP A 489 -23.48 6.68 23.55
N LEU A 490 -22.81 7.82 23.66
CA LEU A 490 -23.34 8.96 24.39
C LEU A 490 -24.60 9.56 23.77
N ALA A 491 -24.53 9.89 22.48
CA ALA A 491 -25.66 10.49 21.78
C ALA A 491 -26.90 9.59 21.91
N GLN A 492 -26.70 8.29 21.76
CA GLN A 492 -27.80 7.33 21.82
C GLN A 492 -28.40 7.20 23.22
N THR A 493 -27.63 7.57 24.22
CA THR A 493 -27.98 7.29 25.61
C THR A 493 -28.53 8.52 26.30
N ALA A 494 -27.92 9.66 26.05
CA ALA A 494 -28.28 10.90 26.73
C ALA A 494 -29.68 11.40 26.34
N GLY A 495 -30.24 10.89 25.26
CA GLY A 495 -31.49 11.42 24.71
C GLY A 495 -31.28 12.53 23.68
N GLU A 496 -32.38 12.95 23.05
CA GLU A 496 -32.37 13.99 22.01
C GLU A 496 -31.68 15.27 22.46
N LYS A 497 -32.15 15.79 23.60
CA LYS A 497 -31.78 17.12 24.05
C LYS A 497 -30.35 17.18 24.54
N LEU A 498 -30.02 16.37 25.54
CA LEU A 498 -28.70 16.38 26.15
C LEU A 498 -27.65 15.78 25.21
N GLY A 499 -28.08 14.83 24.37
CA GLY A 499 -27.19 14.09 23.46
C GLY A 499 -26.91 14.78 22.13
N ARG A 500 -27.51 15.95 21.94
CA ARG A 500 -27.41 16.70 20.70
C ARG A 500 -25.96 16.99 20.33
N ASP A 501 -25.22 17.48 21.32
CA ASP A 501 -23.84 17.87 21.16
C ASP A 501 -22.97 16.69 20.65
N ALA A 502 -22.99 15.56 21.38
CA ALA A 502 -22.27 14.37 20.97
C ALA A 502 -22.73 13.91 19.57
N GLY A 503 -24.04 14.01 19.33
CA GLY A 503 -24.65 13.59 18.06
C GLY A 503 -24.09 14.36 16.89
N GLN A 504 -23.93 15.67 17.07
CA GLN A 504 -23.34 16.54 16.07
C GLN A 504 -21.87 16.23 15.78
N LEU A 505 -21.08 16.06 16.84
CA LEU A 505 -19.67 15.70 16.67
C LEU A 505 -19.55 14.37 15.93
N TYR A 506 -20.35 13.40 16.35
CA TYR A 506 -20.36 12.08 15.73
C TYR A 506 -20.66 12.13 14.23
N SER A 507 -21.74 12.78 13.84
CA SER A 507 -22.13 12.75 12.44
C SER A 507 -21.15 13.54 11.57
N LYS A 508 -20.57 14.59 12.12
CA LYS A 508 -19.51 15.33 11.43
C LYS A 508 -18.25 14.48 11.24
N GLY A 509 -17.88 13.72 12.27
CA GLY A 509 -16.76 12.82 12.18
C GLY A 509 -17.01 11.67 11.22
N MET A 510 -18.21 11.10 11.24
CA MET A 510 -18.57 10.03 10.30
C MET A 510 -18.43 10.45 8.84
N GLU A 511 -18.78 11.70 8.54
CA GLU A 511 -18.64 12.24 7.19
C GLU A 511 -17.18 12.32 6.76
N SER A 512 -16.32 12.78 7.67
CA SER A 512 -14.89 12.80 7.43
C SER A 512 -14.36 11.38 7.21
N LEU A 513 -14.82 10.45 8.05
CA LEU A 513 -14.32 9.08 7.99
C LEU A 513 -14.62 8.46 6.64
N LYS A 514 -15.84 8.70 6.15
CA LYS A 514 -16.29 8.07 4.91
C LYS A 514 -15.47 8.56 3.72
N VAL A 515 -15.06 9.83 3.74
CA VAL A 515 -14.26 10.38 2.66
C VAL A 515 -12.80 9.94 2.77
N MET A 516 -12.26 9.96 3.98
CA MET A 516 -10.82 9.74 4.19
C MET A 516 -10.37 8.29 4.22
N LEU A 517 -11.33 7.39 4.39
CA LEU A 517 -11.06 5.98 4.59
C LEU A 517 -10.12 5.34 3.52
N PRO A 518 -10.32 5.66 2.22
CA PRO A 518 -9.39 5.05 1.24
C PRO A 518 -7.92 5.47 1.35
N LEU A 519 -7.64 6.58 2.03
CA LEU A 519 -6.26 7.04 2.22
C LEU A 519 -5.48 6.07 3.10
N TYR A 520 -6.19 5.22 3.83
CA TYR A 520 -5.56 4.29 4.77
C TYR A 520 -5.38 2.89 4.17
N ASP A 521 -5.78 2.73 2.90
CA ASP A 521 -5.78 1.43 2.22
C ASP A 521 -4.59 1.31 1.26
N THR A 522 -3.67 0.38 1.54
CA THR A 522 -2.44 0.23 0.72
C THR A 522 -2.62 -0.75 -0.47
N GLY A 523 -3.80 -1.33 -0.57
CA GLY A 523 -4.06 -2.38 -1.54
C GLY A 523 -3.71 -3.77 -1.06
N SER A 524 -3.12 -3.88 0.14
CA SER A 524 -2.81 -5.19 0.71
C SER A 524 -2.76 -5.17 2.22
N GLY A 525 -3.04 -4.03 2.82
CA GLY A 525 -3.02 -3.82 4.28
C GLY A 525 -3.56 -2.43 4.57
N THR A 526 -3.39 -1.93 5.78
CA THR A 526 -3.79 -0.56 6.10
C THR A 526 -2.64 0.26 6.64
N ILE A 527 -2.75 1.57 6.49
CA ILE A 527 -1.79 2.49 7.09
C ILE A 527 -2.31 2.95 8.46
N TYR A 528 -1.41 3.18 9.42
CA TYR A 528 -1.81 3.49 10.79
C TYR A 528 -2.33 4.92 10.90
N ASP A 529 -1.74 5.81 10.12
CA ASP A 529 -2.00 7.25 10.22
C ASP A 529 -1.64 7.88 8.87
N LEU A 530 -1.70 9.20 8.80
CA LEU A 530 -1.42 9.87 7.54
C LEU A 530 -0.11 10.64 7.55
N ARG A 531 0.82 10.24 8.43
CA ARG A 531 2.07 10.97 8.54
C ARG A 531 2.86 11.01 7.24
N HIS A 532 2.74 9.98 6.41
CA HIS A 532 3.48 9.95 5.15
C HIS A 532 3.12 11.16 4.31
N PHE A 533 1.84 11.50 4.27
CA PHE A 533 1.39 12.66 3.53
C PHE A 533 1.64 13.99 4.25
N ILE A 534 1.27 14.06 5.53
CA ILE A 534 1.46 15.30 6.30
C ILE A 534 2.95 15.66 6.40
N LEU A 535 3.80 14.68 6.68
CA LEU A 535 5.24 14.93 6.82
C LEU A 535 6.07 14.77 5.55
N GLY A 536 5.54 14.12 4.53
CA GLY A 536 6.34 13.78 3.34
C GLY A 536 7.38 12.71 3.63
N THR A 537 6.93 11.50 3.93
CA THR A 537 7.82 10.44 4.35
C THR A 537 7.22 9.08 3.98
N ALA A 538 7.83 7.99 4.44
CA ALA A 538 7.30 6.66 4.18
C ALA A 538 5.97 6.41 4.94
N PRO A 539 5.04 5.64 4.34
CA PRO A 539 3.82 5.29 5.09
C PRO A 539 4.15 4.51 6.37
N ASN A 540 3.48 4.86 7.45
CA ASN A 540 3.61 4.14 8.71
C ASN A 540 2.60 2.98 8.75
N LEU A 541 2.99 1.84 8.18
CA LEU A 541 2.07 0.72 8.00
C LEU A 541 1.55 0.17 9.32
N ALA A 542 0.31 -0.27 9.33
CA ALA A 542 -0.30 -0.77 10.54
C ALA A 542 0.01 -2.25 10.65
N ARG A 543 0.56 -2.65 11.79
CA ARG A 543 0.78 -4.06 12.07
C ARG A 543 -0.54 -4.82 12.06
N TRP A 544 -0.48 -6.14 11.82
CA TRP A 544 -1.68 -6.94 11.64
C TRP A 544 -2.75 -6.81 12.72
N ASP A 545 -2.36 -6.64 13.98
CA ASP A 545 -3.42 -6.53 14.99
C ASP A 545 -4.06 -5.14 15.04
N TYR A 546 -3.44 -4.15 14.40
CA TYR A 546 -4.12 -2.89 14.16
C TYR A 546 -4.99 -2.94 12.93
N HIS A 547 -4.56 -3.69 11.92
CA HIS A 547 -5.39 -3.93 10.74
C HIS A 547 -6.68 -4.63 11.14
N THR A 548 -6.55 -5.53 12.10
CA THR A 548 -7.66 -6.33 12.55
C THR A 548 -8.59 -5.46 13.44
N THR A 549 -8.01 -4.49 14.14
CA THR A 549 -8.80 -3.50 14.87
C THR A 549 -9.60 -2.65 13.87
N HIS A 550 -8.94 -2.22 12.80
CA HIS A 550 -9.57 -1.44 11.74
C HIS A 550 -10.77 -2.19 11.18
N ILE A 551 -10.59 -3.47 10.89
CA ILE A 551 -11.69 -4.26 10.36
C ILE A 551 -12.82 -4.36 11.39
N ASN A 552 -12.49 -4.73 12.63
CA ASN A 552 -13.49 -4.84 13.68
C ASN A 552 -14.27 -3.54 13.87
N GLN A 553 -13.58 -2.42 13.76
CA GLN A 553 -14.25 -1.12 13.91
C GLN A 553 -15.21 -0.81 12.78
N LEU A 554 -14.81 -1.11 11.55
CA LEU A 554 -15.69 -0.88 10.38
C LEU A 554 -16.92 -1.79 10.37
N GLN A 555 -16.74 -3.04 10.73
CA GLN A 555 -17.90 -3.92 10.78
C GLN A 555 -18.88 -3.52 11.89
N LEU A 556 -18.37 -2.96 12.98
CA LEU A 556 -19.23 -2.41 14.04
C LEU A 556 -20.02 -1.21 13.50
N LEU A 557 -19.31 -0.25 12.88
CA LEU A 557 -19.98 0.93 12.32
C LEU A 557 -21.00 0.55 11.24
N GLY A 558 -20.67 -0.51 10.50
CA GLY A 558 -21.58 -1.03 9.47
C GLY A 558 -22.92 -1.51 10.01
N THR A 559 -22.99 -1.84 11.29
CA THR A 559 -24.27 -2.24 11.87
C THR A 559 -25.10 -1.07 12.35
N ILE A 560 -24.51 0.11 12.43
CA ILE A 560 -25.25 1.30 12.90
C ILE A 560 -25.23 2.43 11.88
N ASP A 561 -24.64 2.17 10.72
CA ASP A 561 -24.67 3.10 9.59
C ASP A 561 -24.67 2.25 8.32
N ASN A 562 -25.61 2.52 7.41
CA ASN A 562 -25.84 1.65 6.26
C ASN A 562 -25.02 1.99 5.00
N SER A 563 -24.03 2.86 5.12
CA SER A 563 -23.19 3.20 3.97
C SER A 563 -22.47 1.98 3.42
N PRO A 564 -22.51 1.81 2.10
CA PRO A 564 -21.81 0.68 1.49
C PRO A 564 -20.28 0.73 1.67
N ILE A 565 -19.73 1.92 1.94
CA ILE A 565 -18.28 2.01 2.11
C ILE A 565 -17.74 1.09 3.21
N PHE A 566 -18.47 0.99 4.32
CA PHE A 566 -18.11 0.12 5.41
C PHE A 566 -18.12 -1.35 4.98
N ARG A 567 -19.14 -1.76 4.25
CA ARG A 567 -19.23 -3.13 3.80
C ARG A 567 -18.14 -3.45 2.75
N ASP A 568 -17.99 -2.58 1.76
CA ASP A 568 -16.98 -2.76 0.70
C ASP A 568 -15.56 -2.81 1.23
N SER A 569 -15.23 -1.93 2.17
CA SER A 569 -13.91 -1.90 2.78
C SER A 569 -13.66 -3.11 3.66
N VAL A 570 -14.67 -3.50 4.46
CA VAL A 570 -14.49 -4.68 5.31
C VAL A 570 -14.16 -5.90 4.46
N LYS A 571 -14.95 -6.13 3.42
CA LYS A 571 -14.77 -7.29 2.55
C LYS A 571 -13.35 -7.35 1.97
N ARG A 572 -12.88 -6.23 1.40
CA ARG A 572 -11.55 -6.15 0.84
C ARG A 572 -10.45 -6.29 1.91
N TRP A 573 -10.63 -5.59 3.03
CA TRP A 573 -9.60 -5.54 4.08
C TRP A 573 -9.45 -6.91 4.72
N LYS A 574 -10.56 -7.65 4.80
CA LYS A 574 -10.52 -9.03 5.26
C LYS A 574 -9.72 -9.93 4.31
N SER A 575 -9.85 -9.70 3.00
CA SER A 575 -9.15 -10.54 2.03
C SER A 575 -7.63 -10.39 2.19
N TYR A 576 -7.17 -9.22 2.63
CA TYR A 576 -5.75 -8.97 2.87
C TYR A 576 -5.10 -9.97 3.84
N LEU A 577 -5.85 -10.36 4.88
CA LEU A 577 -5.40 -11.34 5.86
C LEU A 577 -4.99 -12.69 5.25
N LYS A 578 -5.54 -13.01 4.08
CA LYS A 578 -5.22 -14.27 3.38
C LYS A 578 -4.41 -14.05 2.11
N GLY A 579 -3.68 -12.95 2.03
CA GLY A 579 -2.89 -12.67 0.84
C GLY A 579 -3.67 -12.10 -0.33
N GLY A 580 -4.95 -11.79 -0.14
CA GLY A 580 -5.70 -11.03 -1.13
C GLY A 580 -5.09 -9.65 -1.34
N ARG A 581 -5.35 -9.04 -2.48
CA ARG A 581 -4.77 -7.72 -2.80
C ARG A 581 -5.70 -6.95 -3.72
N ALA A 582 -5.65 -5.62 -3.67
CA ALA A 582 -6.27 -4.83 -4.74
C ALA A 582 -5.58 -5.22 -6.06
N LYS A 583 -6.36 -5.29 -7.13
CA LYS A 583 -5.84 -5.60 -8.45
C LYS A 583 -4.90 -4.47 -8.92
N HIS A 584 -3.83 -4.82 -9.63
CA HIS A 584 -3.02 -3.82 -10.33
C HIS A 584 -3.45 -3.71 -11.79
N ASN A 585 -3.13 -2.60 -12.44
CA ASN A 585 -3.32 -2.54 -13.88
C ASN A 585 -2.21 -3.34 -14.57
N VAL B 71 20.52 -37.09 7.09
CA VAL B 71 19.66 -36.19 6.26
C VAL B 71 18.46 -36.92 5.68
N ARG B 72 17.24 -36.47 6.00
CA ARG B 72 16.06 -37.00 5.34
C ARG B 72 15.09 -35.93 4.89
N TYR B 73 14.90 -35.90 3.58
CA TYR B 73 14.20 -34.85 2.91
C TYR B 73 12.95 -35.51 2.46
N GLU B 74 11.89 -35.33 3.24
CA GLU B 74 10.61 -35.94 2.94
C GLU B 74 9.57 -34.89 2.59
N GLU B 75 8.36 -35.38 2.30
CA GLU B 75 7.22 -34.57 1.92
C GLU B 75 6.43 -34.17 3.17
N ILE B 76 6.07 -32.89 3.25
CA ILE B 76 5.19 -32.42 4.31
C ILE B 76 4.01 -31.64 3.70
N ASP B 77 2.81 -31.90 4.22
CA ASP B 77 1.61 -31.18 3.82
C ASP B 77 1.62 -29.73 4.31
N CYS B 78 1.36 -28.80 3.40
CA CYS B 78 1.33 -27.38 3.73
C CYS B 78 -0.07 -26.78 3.65
N LEU B 79 -0.63 -26.43 4.81
CA LEU B 79 -1.93 -25.77 4.89
C LEU B 79 -1.77 -24.26 4.70
N ILE B 80 -2.45 -23.71 3.70
CA ILE B 80 -2.23 -22.32 3.33
C ILE B 80 -3.42 -21.48 3.77
N ASN B 81 -3.20 -20.63 4.78
CA ASN B 81 -4.28 -19.81 5.36
C ASN B 81 -5.51 -20.59 5.78
N ASP B 82 -5.31 -21.82 6.28
CA ASP B 82 -6.43 -22.64 6.73
C ASP B 82 -7.39 -23.03 5.61
N ASP B 83 -6.96 -22.85 4.37
CA ASP B 83 -7.81 -23.11 3.21
C ASP B 83 -7.33 -24.27 2.32
N ALA B 84 -6.47 -23.99 1.34
CA ALA B 84 -5.97 -25.04 0.43
C ALA B 84 -4.79 -25.79 1.04
N THR B 85 -4.51 -27.00 0.54
CA THR B 85 -3.32 -27.75 0.94
C THR B 85 -2.42 -28.02 -0.27
N ILE B 86 -1.14 -27.74 -0.10
CA ILE B 86 -0.13 -27.98 -1.12
C ILE B 86 0.96 -28.89 -0.58
N LYS B 87 1.78 -29.44 -1.48
CA LYS B 87 2.79 -30.42 -1.12
C LYS B 87 4.15 -29.75 -0.98
N GLY B 88 4.64 -29.67 0.25
CA GLY B 88 5.98 -29.13 0.49
C GLY B 88 7.04 -30.18 0.79
N ARG B 89 8.21 -29.72 1.19
CA ARG B 89 9.30 -30.59 1.60
C ARG B 89 9.79 -30.18 2.97
N ARG B 90 10.26 -31.15 3.75
CA ARG B 90 10.89 -30.88 5.04
C ARG B 90 12.28 -31.53 5.18
N GLU B 91 13.12 -30.94 6.02
CA GLU B 91 14.39 -31.55 6.43
C GLU B 91 14.59 -31.28 7.90
N GLY B 92 14.08 -32.18 8.72
CA GLY B 92 13.99 -31.99 10.17
C GLY B 92 12.99 -30.88 10.45
N SER B 93 13.49 -29.83 11.10
CA SER B 93 12.68 -28.68 11.48
C SER B 93 12.47 -27.68 10.33
N GLU B 94 13.32 -27.73 9.30
CA GLU B 94 13.25 -26.74 8.21
C GLU B 94 12.27 -27.16 7.10
N VAL B 95 11.37 -26.24 6.72
CA VAL B 95 10.37 -26.51 5.69
C VAL B 95 10.65 -25.77 4.38
N TYR B 96 10.44 -26.44 3.26
CA TYR B 96 10.64 -25.86 1.95
C TYR B 96 9.33 -25.86 1.18
N MET B 97 9.02 -24.75 0.53
CA MET B 97 7.73 -24.57 -0.15
C MET B 97 7.92 -24.49 -1.66
N PRO B 98 7.05 -25.15 -2.43
CA PRO B 98 7.22 -25.20 -3.88
C PRO B 98 7.14 -23.82 -4.54
N PHE B 99 8.12 -23.51 -5.38
CA PHE B 99 8.09 -22.22 -6.06
C PHE B 99 6.90 -22.08 -7.02
N SER B 100 6.39 -23.20 -7.53
CA SER B 100 5.23 -23.15 -8.46
C SER B 100 3.98 -22.58 -7.77
N TRP B 101 3.88 -22.79 -6.45
CA TRP B 101 2.81 -22.16 -5.66
C TRP B 101 3.16 -20.71 -5.28
N MET B 102 4.41 -20.50 -4.84
CA MET B 102 4.92 -19.18 -4.48
C MET B 102 4.73 -18.17 -5.60
N GLU B 103 5.01 -18.63 -6.82
CA GLU B 103 4.96 -17.81 -8.02
C GLU B 103 3.59 -17.16 -8.20
N LYS B 104 2.54 -17.96 -8.06
CA LYS B 104 1.17 -17.48 -8.20
C LYS B 104 0.64 -16.77 -6.95
N TYR B 105 1.06 -17.23 -5.77
CA TYR B 105 0.55 -16.68 -4.52
C TYR B 105 1.15 -15.32 -4.19
N PHE B 106 2.45 -15.16 -4.42
CA PHE B 106 3.12 -13.90 -4.15
C PHE B 106 3.28 -13.03 -5.40
N GLU B 107 2.97 -13.57 -6.57
CA GLU B 107 3.23 -12.90 -7.86
C GLU B 107 4.68 -12.54 -8.04
N VAL B 108 5.55 -13.52 -7.87
CA VAL B 108 6.99 -13.32 -7.99
C VAL B 108 7.55 -14.13 -9.16
N TYR B 109 8.86 -14.05 -9.37
CA TYR B 109 9.48 -14.55 -10.60
C TYR B 109 10.77 -15.27 -10.31
N GLY B 110 11.02 -16.31 -11.09
CA GLY B 110 12.21 -17.13 -10.94
C GLY B 110 12.36 -18.20 -12.00
N LYS B 111 13.60 -18.59 -12.24
CA LYS B 111 13.91 -19.61 -13.21
C LYS B 111 15.22 -20.26 -12.79
N VAL B 112 15.39 -21.54 -13.13
CA VAL B 112 16.67 -22.19 -12.97
C VAL B 112 17.51 -21.83 -14.18
N VAL B 113 18.63 -21.15 -13.93
CA VAL B 113 19.54 -20.75 -14.99
C VAL B 113 20.81 -21.55 -14.81
N GLN B 114 21.23 -22.22 -15.88
CA GLN B 114 22.39 -23.11 -15.81
C GLN B 114 23.54 -22.65 -16.70
N TYR B 115 24.66 -22.37 -16.03
CA TYR B 115 25.87 -21.92 -16.68
C TYR B 115 26.70 -23.18 -16.79
N ASP B 116 27.98 -23.00 -17.08
CA ASP B 116 28.80 -24.08 -17.59
C ASP B 116 29.13 -25.23 -16.62
N GLY B 117 29.44 -24.92 -15.36
CA GLY B 117 29.89 -25.96 -14.43
C GLY B 117 28.98 -26.20 -13.25
N TYR B 118 27.80 -25.59 -13.27
CA TYR B 118 26.89 -25.55 -12.11
C TYR B 118 25.57 -24.89 -12.54
N ASP B 119 24.51 -25.12 -11.76
CA ASP B 119 23.24 -24.44 -12.00
C ASP B 119 22.72 -23.67 -10.78
N ARG B 120 21.79 -22.75 -11.03
CA ARG B 120 21.34 -21.78 -10.03
C ARG B 120 19.90 -21.29 -10.25
N PHE B 121 19.13 -21.24 -9.16
CA PHE B 121 17.83 -20.60 -9.21
C PHE B 121 17.96 -19.10 -8.97
N GLU B 122 17.51 -18.31 -9.94
CA GLU B 122 17.50 -16.86 -9.79
C GLU B 122 16.10 -16.30 -9.49
N PHE B 123 15.94 -15.76 -8.29
CA PHE B 123 14.66 -15.23 -7.82
C PHE B 123 14.60 -13.73 -7.99
N SER B 124 13.44 -13.26 -8.44
CA SER B 124 13.24 -11.83 -8.63
C SER B 124 11.86 -11.39 -8.14
N HIS B 125 11.82 -10.36 -7.32
CA HIS B 125 10.56 -9.88 -6.75
C HIS B 125 9.71 -9.26 -7.84
N SER B 126 10.37 -8.69 -8.84
CA SER B 126 9.63 -8.05 -9.90
C SER B 126 10.30 -8.29 -11.22
N TYR B 127 9.66 -7.81 -12.28
CA TYR B 127 10.18 -8.05 -13.61
C TYR B 127 10.90 -6.87 -14.28
N SER B 128 10.63 -5.64 -13.85
CA SER B 128 11.14 -4.49 -14.57
C SER B 128 12.46 -4.02 -13.96
N LYS B 129 13.25 -3.20 -14.65
CA LYS B 129 14.46 -2.66 -14.02
C LYS B 129 14.49 -1.16 -14.12
N VAL B 130 15.22 -0.51 -13.23
CA VAL B 130 15.37 0.93 -13.26
C VAL B 130 16.41 1.33 -14.31
N TYR B 131 16.14 2.43 -15.02
CA TYR B 131 17.09 2.97 -15.99
C TYR B 131 18.33 3.51 -15.28
N ALA B 132 19.49 3.15 -15.80
CA ALA B 132 20.77 3.65 -15.29
C ALA B 132 21.13 4.96 -15.98
N GLN B 133 20.73 6.08 -15.35
CA GLN B 133 21.10 7.42 -15.80
C GLN B 133 22.60 7.64 -15.93
N ARG B 134 23.00 8.37 -16.95
CA ARG B 134 24.41 8.59 -17.22
C ARG B 134 24.79 10.05 -16.98
N GLU B 135 23.80 10.92 -16.96
CA GLU B 135 24.06 12.36 -16.81
C GLU B 135 22.81 13.14 -16.44
N GLN B 136 22.99 14.41 -16.12
CA GLN B 136 21.89 15.31 -15.88
C GLN B 136 20.94 15.29 -17.08
N TYR B 137 19.63 15.29 -16.82
CA TYR B 137 18.67 15.32 -17.90
C TYR B 137 18.76 16.67 -18.60
N HIS B 138 18.60 16.68 -19.92
CA HIS B 138 18.52 17.95 -20.66
C HIS B 138 17.68 17.78 -21.92
N PRO B 139 17.02 18.85 -22.38
CA PRO B 139 16.06 18.79 -23.49
C PRO B 139 16.56 18.16 -24.80
N ASN B 140 17.84 18.31 -25.13
CA ASN B 140 18.30 17.82 -26.42
C ASN B 140 18.93 16.43 -26.37
N GLY B 141 18.93 15.81 -25.19
CA GLY B 141 19.50 14.48 -25.04
C GLY B 141 18.45 13.38 -25.10
N VAL B 142 18.82 12.14 -24.70
CA VAL B 142 17.88 11.01 -24.66
C VAL B 142 16.64 11.37 -23.82
N PHE B 143 15.49 10.83 -24.19
CA PHE B 143 14.30 11.08 -23.38
C PHE B 143 14.08 10.05 -22.28
N MET B 144 14.55 10.38 -21.08
CA MET B 144 14.45 9.50 -19.93
C MET B 144 15.03 8.18 -20.36
N SER B 145 14.25 7.09 -20.26
CA SER B 145 14.78 5.74 -20.53
C SER B 145 14.38 5.21 -21.87
N PHE B 146 13.87 6.08 -22.75
CA PHE B 146 13.20 5.62 -23.96
C PHE B 146 14.18 4.97 -24.96
N GLU B 147 15.48 5.10 -24.71
CA GLU B 147 16.50 4.40 -25.51
C GLU B 147 16.24 2.90 -25.45
N GLY B 148 15.64 2.43 -24.35
CA GLY B 148 15.34 0.99 -24.25
C GLY B 148 13.88 0.64 -24.54
N TYR B 149 13.10 1.63 -24.99
CA TYR B 149 11.70 1.37 -25.32
C TYR B 149 11.58 0.74 -26.69
N ASN B 150 10.63 -0.17 -26.83
CA ASN B 150 10.28 -0.66 -28.14
C ASN B 150 8.80 -0.37 -28.38
N VAL B 151 8.51 0.80 -28.93
CA VAL B 151 7.13 1.23 -29.12
C VAL B 151 6.38 0.35 -30.12
N GLU B 152 7.02 0.04 -31.24
CA GLU B 152 6.36 -0.67 -32.31
C GLU B 152 5.92 -2.09 -31.96
N VAL B 153 6.59 -2.79 -31.06
CA VAL B 153 6.11 -4.14 -30.69
C VAL B 153 4.91 -4.16 -29.74
N ARG B 154 4.51 -3.01 -29.21
CA ARG B 154 3.31 -2.96 -28.38
C ARG B 154 2.11 -3.52 -29.15
N ASP B 155 1.30 -4.35 -28.48
CA ASP B 155 0.07 -4.92 -29.07
C ASP B 155 -0.90 -3.87 -29.53
N ARG B 156 -0.93 -2.74 -28.84
CA ARG B 156 -1.91 -1.74 -29.17
C ARG B 156 -1.41 -0.80 -30.27
N VAL B 157 -0.22 -1.05 -30.82
CA VAL B 157 0.18 -0.45 -32.07
C VAL B 157 -0.33 -1.33 -33.22
N LYS B 158 -1.36 -0.86 -33.91
CA LYS B 158 -1.93 -1.64 -35.01
C LYS B 158 -0.92 -1.80 -36.14
N CYS B 159 -0.29 -0.69 -36.56
CA CYS B 159 0.74 -0.72 -37.59
C CYS B 159 1.38 0.66 -37.74
N ILE B 160 2.39 0.74 -38.59
CA ILE B 160 2.96 2.03 -38.97
C ILE B 160 2.27 2.50 -40.27
N SER B 161 1.54 3.61 -40.20
CA SER B 161 0.83 4.15 -41.37
C SER B 161 1.76 4.37 -42.58
N GLY B 162 1.31 3.92 -43.75
CA GLY B 162 2.07 4.10 -44.99
C GLY B 162 2.07 5.55 -45.43
N VAL B 163 0.99 6.25 -45.14
CA VAL B 163 0.89 7.65 -45.54
C VAL B 163 1.69 8.55 -44.58
N GLU B 164 1.61 8.27 -43.28
CA GLU B 164 2.14 9.17 -42.25
C GLU B 164 3.51 8.73 -41.69
N GLY B 165 3.81 7.44 -41.79
CA GLY B 165 5.03 6.91 -41.19
C GLY B 165 5.03 6.96 -39.67
N VAL B 166 3.85 7.00 -39.07
CA VAL B 166 3.73 6.99 -37.62
C VAL B 166 2.78 5.87 -37.17
N PRO B 167 2.94 5.37 -35.93
CA PRO B 167 2.06 4.31 -35.42
C PRO B 167 0.58 4.73 -35.38
N LEU B 168 -0.30 3.80 -35.73
CA LEU B 168 -1.72 3.87 -35.40
C LEU B 168 -2.02 2.94 -34.23
N SER B 169 -2.95 3.38 -33.39
CA SER B 169 -3.35 2.57 -32.24
C SER B 169 -4.45 1.62 -32.66
N THR B 170 -4.50 0.47 -32.02
CA THR B 170 -5.65 -0.43 -32.21
C THR B 170 -6.90 0.11 -31.54
N GLN B 171 -8.03 -0.39 -32.00
CA GLN B 171 -9.33 -0.19 -31.37
C GLN B 171 -10.25 -1.24 -31.99
N TRP B 172 -11.51 -1.27 -31.55
CA TRP B 172 -12.51 -2.10 -32.21
C TRP B 172 -12.67 -1.69 -33.68
N GLY B 173 -12.66 -2.68 -34.58
CA GLY B 173 -12.90 -2.40 -35.99
C GLY B 173 -11.65 -2.34 -36.86
N PRO B 174 -11.84 -2.17 -38.17
CA PRO B 174 -10.74 -2.30 -39.11
C PRO B 174 -9.80 -1.10 -39.19
N GLN B 175 -10.24 0.07 -38.74
CA GLN B 175 -9.36 1.22 -38.82
C GLN B 175 -8.65 1.38 -37.49
N GLY B 176 -7.58 2.17 -37.46
CA GLY B 176 -6.99 2.53 -36.19
C GLY B 176 -7.27 4.00 -35.95
N TYR B 177 -6.83 4.52 -34.83
CA TYR B 177 -6.84 5.97 -34.65
C TYR B 177 -5.44 6.44 -34.30
N PHE B 178 -5.14 7.67 -34.64
CA PHE B 178 -3.87 8.28 -34.31
C PHE B 178 -3.93 8.75 -32.87
N TYR B 179 -3.00 8.27 -32.05
CA TYR B 179 -2.94 8.58 -30.63
C TYR B 179 -1.63 9.30 -30.40
N ALA B 180 -1.71 10.61 -30.16
CA ALA B 180 -0.53 11.46 -30.07
C ALA B 180 0.50 10.98 -29.05
N ILE B 181 0.03 10.44 -27.92
CA ILE B 181 0.95 9.89 -26.92
C ILE B 181 1.87 8.85 -27.56
N GLN B 182 1.26 7.92 -28.29
CA GLN B 182 1.95 6.80 -28.92
C GLN B 182 2.87 7.30 -30.03
N ILE B 183 2.40 8.29 -30.78
CA ILE B 183 3.22 8.86 -31.87
C ILE B 183 4.44 9.55 -31.28
N ALA B 184 4.22 10.35 -30.24
CA ALA B 184 5.34 11.01 -29.55
C ALA B 184 6.34 10.01 -28.94
N GLN B 185 5.83 8.96 -28.30
CA GLN B 185 6.76 7.99 -27.73
C GLN B 185 7.59 7.29 -28.81
N TYR B 186 6.98 7.00 -29.95
CA TYR B 186 7.68 6.47 -31.14
C TYR B 186 8.82 7.40 -31.56
N GLY B 187 8.53 8.68 -31.69
CA GLY B 187 9.56 9.66 -32.05
C GLY B 187 10.64 9.79 -30.98
N LEU B 188 10.22 9.87 -29.72
CA LEU B 188 11.18 10.07 -28.63
C LEU B 188 12.10 8.88 -28.46
N SER B 189 11.58 7.66 -28.60
CA SER B 189 12.45 6.49 -28.46
C SER B 189 13.42 6.38 -29.64
N HIS B 190 12.94 6.62 -30.85
CA HIS B 190 13.85 6.59 -32.01
C HIS B 190 14.89 7.69 -31.90
N TYR B 191 14.50 8.86 -31.40
CA TYR B 191 15.46 9.95 -31.16
C TYR B 191 16.53 9.49 -30.20
N SER B 192 16.08 8.84 -29.11
CA SER B 192 16.97 8.40 -28.05
C SER B 192 17.95 7.33 -28.55
N LYS B 193 17.45 6.39 -29.34
CA LYS B 193 18.29 5.30 -29.87
C LYS B 193 19.32 5.82 -30.87
N ASN B 194 18.97 6.89 -31.59
CA ASN B 194 19.92 7.52 -32.50
C ASN B 194 21.15 8.01 -31.74
N LEU B 195 20.94 8.42 -30.48
CA LEU B 195 22.02 8.90 -29.65
C LEU B 195 22.85 7.79 -29.00
N THR B 196 22.26 6.62 -28.79
CA THR B 196 22.93 5.57 -27.98
C THR B 196 23.43 4.39 -28.80
N GLU B 197 22.82 4.11 -29.92
CA GLU B 197 23.25 2.94 -30.67
C GLU B 197 24.37 3.28 -31.63
N ARG B 198 25.15 2.26 -31.99
CA ARG B 198 26.13 2.36 -33.07
C ARG B 198 25.43 2.71 -34.38
N PRO B 199 26.14 3.38 -35.31
CA PRO B 199 25.54 3.66 -36.62
C PRO B 199 25.13 2.38 -37.37
N PRO B 200 24.02 2.43 -38.14
CA PRO B 200 23.52 1.24 -38.84
C PRO B 200 24.45 0.80 -39.97
N HIS B 201 24.41 -0.47 -40.34
CA HIS B 201 24.96 -0.86 -41.63
C HIS B 201 24.03 -0.34 -42.71
N VAL B 202 24.60 0.33 -43.71
CA VAL B 202 23.83 0.85 -44.82
C VAL B 202 24.29 0.15 -46.11
N GLU B 203 23.38 -0.57 -46.75
CA GLU B 203 23.68 -1.19 -48.04
C GLU B 203 22.87 -0.50 -49.15
N VAL B 204 23.56 0.02 -50.16
CA VAL B 204 22.90 0.63 -51.32
C VAL B 204 22.93 -0.33 -52.51
N TYR B 205 21.82 -0.41 -53.22
CA TYR B 205 21.68 -1.37 -54.32
C TYR B 205 21.56 -0.63 -55.64
N ASP B 206 21.75 -1.38 -56.73
CA ASP B 206 21.58 -0.86 -58.08
C ASP B 206 22.57 0.26 -58.38
N THR B 207 23.78 0.14 -57.85
CA THR B 207 24.81 1.15 -58.10
C THR B 207 25.66 0.77 -59.33
N ALA B 208 25.69 -0.52 -59.66
CA ALA B 208 26.28 -0.98 -60.92
C ALA B 208 25.53 -0.40 -62.14
N GLU B 209 26.29 0.09 -63.11
CA GLU B 209 25.71 0.61 -64.35
C GLU B 209 25.96 -0.37 -65.49
N GLU B 210 24.90 -1.02 -65.94
CA GLU B 210 24.97 -1.99 -67.03
C GLU B 210 25.48 -1.33 -68.31
N ARG B 211 26.27 -2.07 -69.08
CA ARG B 211 26.82 -1.55 -70.34
C ARG B 211 25.72 -1.41 -71.38
N ASP B 212 24.65 -2.18 -71.20
CA ASP B 212 23.46 -2.15 -72.05
C ASP B 212 22.30 -2.84 -71.31
N SER B 213 21.07 -2.61 -71.78
CA SER B 213 19.87 -3.11 -71.12
C SER B 213 19.84 -4.61 -70.82
N ARG B 214 20.38 -5.41 -71.73
CA ARG B 214 20.47 -6.88 -71.52
C ARG B 214 21.31 -7.30 -70.30
N SER B 215 22.28 -6.46 -69.92
CA SER B 215 23.19 -6.76 -68.80
C SER B 215 22.69 -6.16 -67.47
N SER B 216 21.47 -5.63 -67.48
CA SER B 216 20.89 -4.96 -66.31
C SER B 216 20.63 -5.93 -65.16
N ALA B 217 20.84 -5.47 -63.93
CA ALA B 217 20.48 -6.26 -62.76
C ALA B 217 18.97 -6.39 -62.66
N TRP B 218 18.26 -5.45 -63.25
CA TRP B 218 16.80 -5.47 -63.23
C TRP B 218 16.26 -6.51 -64.22
N THR B 219 15.10 -7.09 -63.88
CA THR B 219 14.34 -7.93 -64.77
C THR B 219 13.23 -7.09 -65.38
N VAL B 220 13.21 -7.03 -66.71
CA VAL B 220 12.25 -6.18 -67.40
C VAL B 220 11.45 -7.02 -68.37
N PRO B 221 10.28 -7.45 -67.93
CA PRO B 221 9.41 -8.29 -68.70
C PRO B 221 8.66 -7.55 -69.79
N LYS B 222 7.81 -8.30 -70.48
CA LYS B 222 7.40 -8.04 -71.84
C LYS B 222 6.92 -6.66 -72.25
N GLY B 223 6.06 -6.02 -71.48
CA GLY B 223 5.58 -4.71 -71.88
C GLY B 223 6.12 -3.65 -70.95
N CYS B 224 7.27 -3.93 -70.37
CA CYS B 224 7.77 -3.06 -69.32
C CYS B 224 8.97 -2.26 -69.77
N SER B 225 9.32 -1.24 -68.99
CA SER B 225 10.48 -0.41 -69.25
C SER B 225 11.23 -0.04 -67.95
N LEU B 226 12.55 -0.09 -67.99
CA LEU B 226 13.39 0.29 -66.86
C LEU B 226 14.70 0.81 -67.42
N THR B 227 14.89 2.12 -67.35
CA THR B 227 16.11 2.74 -67.85
C THR B 227 16.70 3.70 -66.83
N ARG B 228 18.02 3.90 -66.92
CA ARG B 228 18.73 4.89 -66.14
C ARG B 228 18.74 6.24 -66.87
N VAL B 229 18.32 7.29 -66.19
CA VAL B 229 18.19 8.65 -66.77
C VAL B 229 18.89 9.65 -65.85
N TYR B 230 19.57 10.65 -66.41
CA TYR B 230 20.10 11.74 -65.58
C TYR B 230 19.00 12.73 -65.29
N ASP B 231 18.74 12.96 -64.01
CA ASP B 231 17.69 13.91 -63.61
C ASP B 231 18.36 15.22 -63.23
N LYS B 232 18.25 16.20 -64.12
CA LYS B 232 18.87 17.51 -63.95
C LYS B 232 18.41 18.23 -62.70
N THR B 233 17.13 18.08 -62.37
CA THR B 233 16.56 18.79 -61.22
C THR B 233 17.17 18.25 -59.93
N ARG B 234 17.42 16.95 -59.89
CA ARG B 234 18.01 16.32 -58.70
C ARG B 234 19.54 16.18 -58.77
N ALA B 235 20.12 16.50 -59.92
CA ALA B 235 21.57 16.38 -60.15
C ALA B 235 22.09 14.99 -59.79
N THR B 236 21.37 13.97 -60.24
CA THR B 236 21.74 12.58 -60.03
C THR B 236 21.06 11.70 -61.09
N SER B 237 21.58 10.48 -61.25
CA SER B 237 20.93 9.55 -62.14
C SER B 237 19.84 8.77 -61.38
N VAL B 238 18.75 8.46 -62.06
CA VAL B 238 17.63 7.75 -61.45
C VAL B 238 17.16 6.64 -62.38
N ARG B 239 16.31 5.77 -61.86
CA ARG B 239 15.65 4.77 -62.69
C ARG B 239 14.26 5.26 -63.06
N GLU B 240 13.99 5.27 -64.34
CA GLU B 240 12.65 5.54 -64.83
C GLU B 240 12.04 4.18 -65.14
N PHE B 241 10.91 3.88 -64.52
CA PHE B 241 10.27 2.58 -64.72
C PHE B 241 8.89 2.71 -65.33
N SER B 242 8.44 1.64 -65.97
CA SER B 242 7.10 1.57 -66.51
C SER B 242 6.68 0.09 -66.56
N ALA B 243 5.57 -0.22 -65.91
CA ALA B 243 5.08 -1.60 -65.84
C ALA B 243 3.58 -1.61 -65.60
N PRO B 244 2.82 -2.21 -66.54
CA PRO B 244 1.37 -2.33 -66.41
C PRO B 244 1.01 -3.08 -65.12
N GLU B 245 -0.09 -2.69 -64.51
CA GLU B 245 -0.42 -3.17 -63.17
C GLU B 245 -0.68 -4.67 -63.12
N ASN B 246 -1.14 -5.26 -64.21
CA ASN B 246 -1.36 -6.71 -64.29
C ASN B 246 -0.12 -7.52 -64.70
N SER B 247 0.90 -6.84 -65.24
CA SER B 247 2.17 -7.49 -65.57
C SER B 247 2.89 -7.99 -64.32
N GLU B 248 4.01 -8.66 -64.50
CA GLU B 248 4.80 -9.10 -63.34
C GLU B 248 5.53 -7.94 -62.67
N GLY B 249 5.69 -6.85 -63.42
CA GLY B 249 6.42 -5.68 -62.95
C GLY B 249 7.92 -5.82 -63.12
N VAL B 250 8.63 -4.70 -63.04
CA VAL B 250 10.08 -4.73 -63.10
C VAL B 250 10.65 -5.03 -61.70
N SER B 251 11.65 -5.90 -61.62
CA SER B 251 12.15 -6.33 -60.33
C SER B 251 13.66 -6.23 -60.20
N LEU B 252 14.12 -6.00 -58.96
CA LEU B 252 15.53 -5.88 -58.64
C LEU B 252 15.84 -6.80 -57.49
N PRO B 253 16.79 -7.75 -57.69
CA PRO B 253 17.16 -8.61 -56.58
C PRO B 253 17.83 -7.82 -55.46
N LEU B 254 17.57 -8.20 -54.23
CA LEU B 254 18.20 -7.53 -53.10
C LEU B 254 19.10 -8.45 -52.29
N GLY B 255 18.52 -9.46 -51.63
CA GLY B 255 19.31 -10.49 -50.94
C GLY B 255 19.83 -10.27 -49.52
N ASN B 256 19.25 -9.32 -48.78
CA ASN B 256 19.75 -8.99 -47.44
C ASN B 256 19.20 -9.92 -46.35
N THR B 257 20.09 -10.51 -45.55
CA THR B 257 19.69 -11.43 -44.48
C THR B 257 19.93 -10.83 -43.09
N LYS B 258 20.50 -9.63 -43.06
CA LYS B 258 20.93 -9.01 -41.80
C LYS B 258 20.06 -7.82 -41.39
N ASP B 259 19.72 -6.97 -42.35
CA ASP B 259 19.07 -5.69 -42.06
C ASP B 259 17.71 -5.61 -42.74
N PHE B 260 16.76 -4.91 -42.12
CA PHE B 260 15.38 -4.95 -42.56
C PHE B 260 14.65 -3.61 -42.67
N ILE B 261 15.41 -2.52 -42.65
CA ILE B 261 14.84 -1.19 -42.90
C ILE B 261 15.08 -0.79 -44.36
N ILE B 262 14.03 -0.76 -45.16
CA ILE B 262 14.20 -0.44 -46.57
C ILE B 262 13.82 1.01 -46.85
N SER B 263 14.53 1.63 -47.78
CA SER B 263 14.23 3.00 -48.17
C SER B 263 14.55 3.23 -49.63
N PHE B 264 13.81 4.14 -50.26
CA PHE B 264 14.04 4.52 -51.65
C PHE B 264 13.40 5.87 -51.93
N ASP B 265 14.01 6.66 -52.82
CA ASP B 265 13.37 7.89 -53.27
C ASP B 265 12.41 7.53 -54.39
N LEU B 266 11.26 8.18 -54.41
CA LEU B 266 10.16 7.71 -55.21
C LEU B 266 9.31 8.85 -55.72
N LYS B 267 8.90 8.74 -56.97
CA LYS B 267 7.95 9.68 -57.55
C LYS B 267 7.10 8.93 -58.57
N PHE B 268 5.83 8.75 -58.25
CA PHE B 268 4.90 8.11 -59.19
C PHE B 268 4.26 9.12 -60.13
N THR B 269 3.96 8.69 -61.36
CA THR B 269 3.22 9.52 -62.33
C THR B 269 1.92 8.83 -62.76
N SER B 270 1.64 7.71 -62.11
CA SER B 270 0.38 6.99 -62.23
C SER B 270 0.14 6.20 -60.94
N ASN B 271 -0.93 5.45 -60.90
CA ASN B 271 -1.13 4.50 -59.82
C ASN B 271 -0.13 3.37 -59.94
N GLY B 272 0.31 2.83 -58.82
CA GLY B 272 1.20 1.71 -58.84
C GLY B 272 1.58 1.24 -57.45
N SER B 273 2.73 0.59 -57.37
CA SER B 273 3.13 -0.03 -56.13
C SER B 273 4.59 -0.44 -56.14
N VAL B 274 5.16 -0.48 -54.94
CA VAL B 274 6.45 -1.08 -54.75
C VAL B 274 6.26 -2.25 -53.77
N SER B 275 6.61 -3.46 -54.22
CA SER B 275 6.45 -4.65 -53.41
C SER B 275 7.79 -5.22 -53.00
N VAL B 276 7.85 -5.73 -51.77
CA VAL B 276 9.06 -6.32 -51.24
C VAL B 276 8.76 -7.76 -50.88
N ILE B 277 9.54 -8.67 -51.46
CA ILE B 277 9.37 -10.11 -51.24
C ILE B 277 10.21 -10.53 -50.05
N LEU B 278 9.59 -11.23 -49.10
CA LEU B 278 10.20 -11.50 -47.83
C LEU B 278 10.22 -12.98 -47.47
N GLU B 279 11.41 -13.58 -47.38
CA GLU B 279 11.50 -14.95 -46.90
C GLU B 279 11.41 -14.91 -45.37
N THR B 280 10.71 -15.88 -44.77
CA THR B 280 10.45 -15.89 -43.33
C THR B 280 10.70 -17.24 -42.66
N THR B 281 10.64 -17.23 -41.33
CA THR B 281 10.80 -18.41 -40.51
C THR B 281 9.61 -19.35 -40.62
N GLU B 282 8.51 -18.86 -41.19
CA GLU B 282 7.36 -19.70 -41.51
C GLU B 282 7.64 -20.51 -42.77
N LYS B 283 7.31 -21.79 -42.72
CA LYS B 283 7.55 -22.66 -43.88
C LYS B 283 6.52 -22.38 -44.96
N GLY B 284 6.93 -22.57 -46.21
CA GLY B 284 6.10 -22.26 -47.35
C GLY B 284 6.59 -21.03 -48.07
N PRO B 285 5.72 -20.43 -48.91
CA PRO B 285 6.11 -19.33 -49.78
C PRO B 285 6.47 -18.05 -49.01
N PRO B 286 7.28 -17.16 -49.62
CA PRO B 286 7.61 -15.91 -48.96
C PRO B 286 6.36 -15.05 -48.73
N PHE B 287 6.42 -14.13 -47.77
CA PHE B 287 5.41 -13.08 -47.67
C PHE B 287 5.74 -11.96 -48.66
N VAL B 288 4.72 -11.28 -49.18
CA VAL B 288 4.98 -10.11 -50.02
C VAL B 288 4.29 -8.90 -49.39
N ILE B 289 5.05 -7.82 -49.20
CA ILE B 289 4.49 -6.58 -48.69
C ILE B 289 4.35 -5.60 -49.83
N HIS B 290 3.11 -5.15 -50.08
CA HIS B 290 2.81 -4.25 -51.19
C HIS B 290 2.59 -2.85 -50.67
N TYR B 291 3.37 -1.90 -51.16
CA TYR B 291 3.19 -0.50 -50.81
C TYR B 291 2.56 0.19 -52.00
N VAL B 292 1.26 0.48 -51.87
CA VAL B 292 0.45 0.83 -53.02
C VAL B 292 -0.01 2.27 -52.92
N THR B 293 -0.30 2.88 -54.06
CA THR B 293 -0.63 4.29 -54.09
C THR B 293 -2.10 4.53 -53.78
N THR B 294 -2.53 4.10 -52.60
CA THR B 294 -3.89 4.36 -52.11
C THR B 294 -3.77 4.89 -50.69
N THR B 295 -4.89 5.27 -50.06
CA THR B 295 -4.83 5.65 -48.66
C THR B 295 -5.29 4.52 -47.73
N GLN B 296 -5.34 3.31 -48.27
CA GLN B 296 -5.71 2.15 -47.44
C GLN B 296 -4.72 1.93 -46.30
N LEU B 297 -5.23 1.69 -45.11
CA LEU B 297 -4.35 1.49 -43.96
C LEU B 297 -3.49 0.24 -44.02
N ILE B 298 -4.12 -0.92 -44.01
CA ILE B 298 -3.41 -2.18 -43.96
C ILE B 298 -4.35 -3.32 -44.34
N LEU B 299 -3.85 -4.26 -45.13
CA LEU B 299 -4.61 -5.42 -45.54
C LEU B 299 -3.78 -6.68 -45.40
N LEU B 300 -4.45 -7.78 -45.07
CA LEU B 300 -3.85 -9.11 -45.07
C LEU B 300 -4.71 -10.10 -45.87
N LYS B 301 -4.10 -10.73 -46.88
CA LYS B 301 -4.75 -11.80 -47.60
C LYS B 301 -3.72 -12.86 -47.95
N ASP B 302 -3.78 -13.99 -47.26
CA ASP B 302 -2.83 -15.08 -47.42
C ASP B 302 -1.45 -14.56 -47.07
N ARG B 303 -0.52 -14.58 -48.02
CA ARG B 303 0.81 -14.10 -47.74
C ARG B 303 1.09 -12.73 -48.37
N ASP B 304 0.01 -12.03 -48.72
CA ASP B 304 0.11 -10.65 -49.23
C ASP B 304 -0.33 -9.64 -48.17
N ILE B 305 0.60 -8.79 -47.76
CA ILE B 305 0.32 -7.72 -46.82
C ILE B 305 0.38 -6.41 -47.62
N THR B 306 -0.57 -5.51 -47.40
CA THR B 306 -0.67 -4.27 -48.17
C THR B 306 -0.73 -3.04 -47.28
N TYR B 307 0.07 -2.02 -47.62
CA TYR B 307 -0.01 -0.72 -46.96
C TYR B 307 -0.24 0.32 -48.05
N GLY B 308 -1.23 1.18 -47.86
CA GLY B 308 -1.34 2.38 -48.69
C GLY B 308 -0.32 3.43 -48.26
N ILE B 309 0.37 4.02 -49.23
CA ILE B 309 1.37 5.04 -48.95
C ILE B 309 1.00 6.38 -49.59
N GLY B 310 -0.19 6.43 -50.17
CA GLY B 310 -0.70 7.62 -50.82
C GLY B 310 -0.20 7.73 -52.26
N PRO B 311 -0.60 8.81 -52.95
CA PRO B 311 -0.29 9.06 -54.37
C PRO B 311 1.18 9.09 -54.71
N ARG B 312 1.99 9.68 -53.82
CA ARG B 312 3.44 9.77 -53.99
C ARG B 312 3.81 10.40 -55.34
N THR B 313 3.13 11.51 -55.65
CA THR B 313 3.28 12.19 -56.96
C THR B 313 4.28 13.33 -56.91
N THR B 314 4.80 13.61 -55.73
CA THR B 314 5.98 14.46 -55.60
C THR B 314 7.06 13.63 -54.92
N TRP B 315 8.32 13.96 -55.19
CA TRP B 315 9.46 13.18 -54.68
C TRP B 315 9.46 13.10 -53.14
N THR B 316 9.54 11.87 -52.62
CA THR B 316 9.73 11.65 -51.20
C THR B 316 10.71 10.50 -51.00
N THR B 317 11.26 10.39 -49.79
CA THR B 317 11.98 9.21 -49.37
C THR B 317 11.06 8.36 -48.51
N VAL B 318 10.77 7.17 -49.00
CA VAL B 318 9.98 6.17 -48.29
C VAL B 318 10.93 5.34 -47.45
N THR B 319 10.57 5.11 -46.19
CA THR B 319 11.37 4.31 -45.26
C THR B 319 10.42 3.38 -44.52
N ARG B 320 10.71 2.08 -44.57
CA ARG B 320 9.85 1.08 -43.97
C ARG B 320 10.64 0.06 -43.17
N ASP B 321 10.17 -0.22 -41.96
CA ASP B 321 10.69 -1.31 -41.16
C ASP B 321 9.97 -2.58 -41.57
N LEU B 322 10.65 -3.43 -42.35
CA LEU B 322 10.06 -4.67 -42.84
C LEU B 322 9.73 -5.64 -41.70
N LEU B 323 10.49 -5.61 -40.62
CA LEU B 323 10.22 -6.47 -39.48
C LEU B 323 8.82 -6.13 -38.93
N THR B 324 8.61 -4.85 -38.63
CA THR B 324 7.37 -4.37 -38.05
C THR B 324 6.22 -4.52 -39.03
N ASP B 325 6.45 -4.10 -40.28
CA ASP B 325 5.45 -4.21 -41.32
C ASP B 325 4.96 -5.67 -41.53
N LEU B 326 5.89 -6.61 -41.55
CA LEU B 326 5.55 -8.03 -41.64
C LEU B 326 4.70 -8.52 -40.48
N ARG B 327 5.18 -8.29 -39.25
CA ARG B 327 4.52 -8.82 -38.07
C ARG B 327 3.16 -8.20 -37.81
N LYS B 328 3.03 -6.90 -38.06
CA LYS B 328 1.74 -6.22 -37.89
C LYS B 328 0.76 -6.74 -38.93
N GLY B 329 1.28 -7.08 -40.11
CA GLY B 329 0.45 -7.67 -41.16
C GLY B 329 -0.09 -9.05 -40.81
N ILE B 330 0.80 -9.93 -40.36
CA ILE B 330 0.43 -11.28 -39.93
C ILE B 330 -0.59 -11.27 -38.78
N GLY B 331 -0.40 -10.40 -37.81
CA GLY B 331 -1.27 -10.37 -36.64
C GLY B 331 -2.48 -9.48 -36.78
N LEU B 332 -2.77 -9.04 -38.00
CA LEU B 332 -3.87 -8.12 -38.24
C LEU B 332 -5.19 -8.71 -37.77
N SER B 333 -5.91 -7.94 -36.95
CA SER B 333 -7.24 -8.32 -36.51
C SER B 333 -8.07 -7.07 -36.24
N ASN B 334 -9.39 -7.24 -36.13
CA ASN B 334 -10.30 -6.12 -35.82
C ASN B 334 -10.54 -5.87 -34.34
N THR B 335 -9.57 -6.25 -33.51
CA THR B 335 -9.67 -6.04 -32.05
C THR B 335 -8.62 -5.06 -31.53
N LYS B 336 -8.67 -4.82 -30.21
CA LYS B 336 -7.74 -3.92 -29.51
C LYS B 336 -6.31 -4.46 -29.35
N ALA B 337 -6.06 -5.72 -29.73
CA ALA B 337 -4.73 -6.32 -29.59
C ALA B 337 -4.28 -7.07 -30.83
N VAL B 338 -3.19 -6.59 -31.44
CA VAL B 338 -2.53 -7.31 -32.55
C VAL B 338 -2.14 -8.72 -32.07
N LYS B 339 -2.38 -9.73 -32.91
CA LYS B 339 -2.03 -11.10 -32.56
C LYS B 339 -0.52 -11.23 -32.53
N ALA B 340 0.02 -11.78 -31.44
CA ALA B 340 1.47 -11.94 -31.35
C ALA B 340 1.95 -13.03 -32.30
N THR B 341 3.07 -12.78 -32.96
CA THR B 341 3.63 -13.76 -33.88
C THR B 341 5.08 -14.03 -33.51
N LYS B 342 5.54 -15.25 -33.78
CA LYS B 342 6.93 -15.59 -33.60
C LYS B 342 7.63 -15.60 -34.96
N THR B 343 6.85 -15.34 -36.01
CA THR B 343 7.39 -15.26 -37.36
C THR B 343 8.37 -14.10 -37.51
N MET B 344 9.51 -14.37 -38.12
CA MET B 344 10.57 -13.37 -38.31
C MET B 344 11.01 -13.36 -39.77
N PRO B 345 11.41 -12.17 -40.28
CA PRO B 345 11.96 -12.14 -41.63
C PRO B 345 13.33 -12.81 -41.64
N ARG B 346 13.66 -13.47 -42.75
CA ARG B 346 14.94 -14.15 -42.89
C ARG B 346 15.77 -13.57 -44.01
N ARG B 347 15.12 -13.13 -45.08
CA ARG B 347 15.84 -12.57 -46.22
C ARG B 347 14.97 -11.62 -47.01
N VAL B 348 15.49 -10.43 -47.28
CA VAL B 348 14.85 -9.50 -48.20
C VAL B 348 15.24 -9.93 -49.62
N VAL B 349 14.30 -10.54 -50.34
CA VAL B 349 14.62 -11.21 -51.60
C VAL B 349 14.81 -10.25 -52.78
N LYS B 350 13.79 -9.43 -53.06
CA LYS B 350 13.84 -8.48 -54.16
C LYS B 350 12.73 -7.45 -54.03
N LEU B 351 12.80 -6.39 -54.82
CA LEU B 351 11.68 -5.48 -54.89
C LEU B 351 11.05 -5.47 -56.29
N VAL B 352 9.75 -5.22 -56.33
CA VAL B 352 9.00 -5.27 -57.58
C VAL B 352 8.20 -4.00 -57.69
N VAL B 353 8.30 -3.36 -58.85
CA VAL B 353 7.62 -2.09 -59.10
C VAL B 353 6.56 -2.21 -60.21
N HIS B 354 5.36 -1.67 -59.96
CA HIS B 354 4.30 -1.58 -60.95
C HIS B 354 3.92 -0.12 -61.10
N GLY B 355 3.45 0.26 -62.29
CA GLY B 355 3.04 1.62 -62.57
C GLY B 355 4.12 2.37 -63.32
N THR B 356 4.00 3.68 -63.41
CA THR B 356 5.06 4.47 -64.01
C THR B 356 5.55 5.52 -63.04
N GLY B 357 6.85 5.79 -63.12
CA GLY B 357 7.49 6.85 -62.37
C GLY B 357 8.98 6.68 -62.27
N THR B 358 9.55 7.16 -61.17
CA THR B 358 10.99 7.08 -60.97
C THR B 358 11.33 6.60 -59.58
N ILE B 359 12.45 5.88 -59.46
CA ILE B 359 12.93 5.40 -58.18
C ILE B 359 14.46 5.60 -58.11
N ASP B 360 15.00 5.77 -56.90
CA ASP B 360 16.43 6.03 -56.72
C ASP B 360 16.82 5.69 -55.30
N ASN B 361 18.11 5.48 -55.09
CA ASN B 361 18.69 5.29 -53.74
C ASN B 361 18.05 4.14 -52.98
N ILE B 362 17.96 2.99 -53.63
CA ILE B 362 17.37 1.83 -53.03
C ILE B 362 18.32 1.28 -51.98
N THR B 363 17.87 1.28 -50.73
CA THR B 363 18.75 1.06 -49.60
C THR B 363 18.14 0.14 -48.53
N ILE B 364 18.97 -0.74 -47.97
CA ILE B 364 18.60 -1.48 -46.78
C ILE B 364 19.57 -1.17 -45.65
N SER B 365 19.02 -0.71 -44.51
CA SER B 365 19.81 -0.33 -43.35
C SER B 365 19.40 -1.10 -42.10
N THR B 366 20.29 -1.17 -41.12
CA THR B 366 20.00 -1.84 -39.86
C THR B 366 18.89 -1.07 -39.13
N THR B 367 19.03 0.26 -39.13
CA THR B 367 18.10 1.13 -38.44
C THR B 367 17.95 2.40 -39.25
N SER B 368 16.89 3.14 -39.03
CA SER B 368 16.80 4.51 -39.57
C SER B 368 16.03 5.48 -38.66
N HIS B 369 16.64 5.73 -37.49
CA HIS B 369 15.96 6.36 -36.36
C HIS B 369 15.46 7.78 -36.59
N MET B 370 16.25 8.60 -37.26
CA MET B 370 15.87 10.01 -37.44
C MET B 370 14.67 10.19 -38.35
N ALA B 371 14.57 9.34 -39.38
CA ALA B 371 13.41 9.37 -40.27
C ALA B 371 12.11 9.16 -39.49
N ALA B 372 12.11 8.19 -38.58
CA ALA B 372 10.95 7.96 -37.72
C ALA B 372 10.68 9.12 -36.76
N PHE B 373 11.74 9.70 -36.20
CA PHE B 373 11.61 10.85 -35.31
C PHE B 373 10.96 12.05 -36.02
N TYR B 374 11.43 12.35 -37.23
CA TYR B 374 10.84 13.46 -38.00
C TYR B 374 9.44 13.18 -38.51
N ALA B 375 9.16 11.91 -38.81
CA ALA B 375 7.80 11.55 -39.17
C ALA B 375 6.87 11.92 -38.03
N ALA B 376 7.29 11.60 -36.80
CA ALA B 376 6.47 11.86 -35.62
C ALA B 376 6.37 13.35 -35.41
N SER B 377 7.50 14.03 -35.49
CA SER B 377 7.56 15.46 -35.29
C SER B 377 6.69 16.21 -36.29
N ASP B 378 6.78 15.81 -37.55
CA ASP B 378 6.00 16.50 -38.61
C ASP B 378 4.52 16.16 -38.53
N TRP B 379 4.21 14.93 -38.10
CA TRP B 379 2.83 14.57 -37.88
C TRP B 379 2.24 15.49 -36.81
N LEU B 380 3.01 15.72 -35.75
CA LEU B 380 2.56 16.56 -34.65
C LEU B 380 2.28 17.99 -35.12
N VAL B 381 3.22 18.56 -35.88
CA VAL B 381 3.03 19.92 -36.40
C VAL B 381 1.73 20.01 -37.17
N ARG B 382 1.54 19.06 -38.09
CA ARG B 382 0.44 19.04 -39.05
C ARG B 382 -0.92 18.79 -38.43
N ASN B 383 -0.97 18.14 -37.27
CA ASN B 383 -2.23 17.70 -36.69
C ASN B 383 -2.64 18.42 -35.39
N GLN B 384 -1.86 19.40 -34.96
CA GLN B 384 -2.24 20.25 -33.85
C GLN B 384 -3.46 21.08 -34.25
N ASP B 385 -4.44 21.18 -33.36
CA ASP B 385 -5.62 21.99 -33.68
C ASP B 385 -5.50 23.44 -33.24
N GLU B 386 -6.55 24.22 -33.48
CA GLU B 386 -6.49 25.67 -33.24
C GLU B 386 -6.40 26.06 -31.77
N ARG B 387 -6.73 25.15 -30.88
CA ARG B 387 -6.55 25.38 -29.45
C ARG B 387 -5.16 24.93 -28.96
N GLY B 388 -4.31 24.45 -29.87
CA GLY B 388 -2.97 23.98 -29.51
C GLY B 388 -2.92 22.52 -29.04
N GLY B 389 -4.04 21.82 -29.17
CA GLY B 389 -4.13 20.45 -28.68
C GLY B 389 -4.05 19.37 -29.75
N TRP B 390 -3.75 18.14 -29.34
CA TRP B 390 -3.95 16.98 -30.18
C TRP B 390 -5.10 16.17 -29.64
N PRO B 391 -6.30 16.31 -30.25
CA PRO B 391 -7.52 15.69 -29.75
C PRO B 391 -7.52 14.18 -29.97
N ILE B 392 -7.90 13.44 -28.93
CA ILE B 392 -8.07 12.01 -29.07
C ILE B 392 -9.49 11.77 -29.59
N MET B 393 -9.56 11.23 -30.80
CA MET B 393 -10.82 11.16 -31.54
C MET B 393 -11.60 9.88 -31.29
N VAL B 394 -11.42 9.25 -30.14
CA VAL B 394 -12.26 8.11 -29.74
C VAL B 394 -12.80 8.33 -28.33
N THR B 395 -13.90 7.67 -27.98
CA THR B 395 -14.43 7.81 -26.62
C THR B 395 -13.57 6.97 -25.70
N ARG B 396 -13.23 7.51 -24.54
CA ARG B 396 -12.48 6.73 -23.54
C ARG B 396 -13.21 6.71 -22.23
N LYS B 397 -13.49 5.50 -21.78
CA LYS B 397 -14.19 5.27 -20.53
C LYS B 397 -13.21 4.62 -19.56
N LEU B 398 -12.63 5.45 -18.68
CA LEU B 398 -11.53 5.04 -17.83
C LEU B 398 -11.86 3.92 -16.85
N GLY B 399 -13.09 3.93 -16.36
CA GLY B 399 -13.54 2.94 -15.40
C GLY B 399 -14.82 3.37 -14.70
N GLU B 400 -15.42 2.41 -14.02
CA GLU B 400 -16.64 2.62 -13.25
C GLU B 400 -16.48 3.78 -12.30
N GLY B 401 -17.36 4.76 -12.40
CA GLY B 401 -17.30 5.94 -11.58
C GLY B 401 -16.91 7.15 -12.40
N PHE B 402 -16.16 6.94 -13.48
CA PHE B 402 -15.75 8.07 -14.33
C PHE B 402 -16.65 8.22 -15.54
N ARG B 403 -17.13 9.43 -15.78
CA ARG B 403 -17.87 9.74 -16.99
C ARG B 403 -16.99 9.43 -18.23
N ALA B 404 -17.62 8.94 -19.29
CA ALA B 404 -16.95 8.73 -20.58
C ALA B 404 -16.36 10.03 -21.10
N LEU B 405 -15.18 9.94 -21.68
CA LEU B 405 -14.59 11.05 -22.42
C LEU B 405 -15.03 10.96 -23.88
N GLU B 406 -15.77 11.96 -24.34
CA GLU B 406 -16.24 12.01 -25.73
C GLU B 406 -15.10 12.37 -26.67
N PRO B 407 -15.19 11.94 -27.96
CA PRO B 407 -14.17 12.25 -28.95
C PRO B 407 -13.82 13.73 -28.94
N GLY B 408 -12.52 14.01 -28.99
CA GLY B 408 -12.05 15.39 -28.99
C GLY B 408 -11.35 15.81 -27.71
N TRP B 409 -11.28 14.90 -26.73
CA TRP B 409 -10.61 15.20 -25.46
C TRP B 409 -9.08 15.30 -25.62
N TYR B 410 -8.48 16.11 -24.75
CA TYR B 410 -7.03 16.27 -24.69
C TYR B 410 -6.40 15.48 -23.55
N SER B 411 -5.09 15.24 -23.66
CA SER B 411 -4.37 14.58 -22.59
C SER B 411 -3.14 15.41 -22.26
N ALA B 412 -2.93 15.67 -20.98
CA ALA B 412 -1.72 16.38 -20.51
C ALA B 412 -0.46 15.62 -20.88
N MET B 413 -0.54 14.28 -20.89
CA MET B 413 0.57 13.44 -21.33
C MET B 413 0.80 13.58 -22.83
N ALA B 414 -0.26 13.67 -23.62
CA ALA B 414 -0.11 13.90 -25.06
C ALA B 414 0.54 15.25 -25.31
N GLN B 415 0.05 16.29 -24.64
CA GLN B 415 0.60 17.64 -24.77
C GLN B 415 2.08 17.68 -24.40
N GLY B 416 2.43 17.09 -23.25
CA GLY B 416 3.80 17.11 -22.77
C GLY B 416 4.77 16.33 -23.64
N GLN B 417 4.40 15.10 -23.98
CA GLN B 417 5.22 14.26 -24.86
C GLN B 417 5.40 14.87 -26.25
N ALA B 418 4.37 15.56 -26.75
CA ALA B 418 4.50 16.28 -28.00
C ALA B 418 5.53 17.40 -27.86
N MET B 419 5.44 18.17 -26.78
CA MET B 419 6.42 19.23 -26.47
C MET B 419 7.87 18.73 -26.47
N SER B 420 8.12 17.60 -25.81
CA SER B 420 9.44 17.01 -25.74
C SER B 420 10.00 16.61 -27.09
N THR B 421 9.12 16.11 -27.97
CA THR B 421 9.44 15.75 -29.34
C THR B 421 9.69 17.00 -30.22
N LEU B 422 8.76 17.95 -30.16
CA LEU B 422 8.86 19.20 -30.90
C LEU B 422 10.11 20.00 -30.53
N VAL B 423 10.36 20.12 -29.23
CA VAL B 423 11.55 20.84 -28.75
C VAL B 423 12.83 20.24 -29.33
N ARG B 424 12.92 18.92 -29.34
CA ARG B 424 14.09 18.24 -29.91
C ARG B 424 14.22 18.45 -31.42
N ALA B 425 13.10 18.46 -32.12
CA ALA B 425 13.08 18.68 -33.56
C ALA B 425 13.53 20.11 -33.90
N TYR B 426 13.08 21.06 -33.07
CA TYR B 426 13.50 22.45 -33.19
C TYR B 426 15.00 22.62 -32.95
N LEU B 427 15.54 21.99 -31.91
CA LEU B 427 16.96 22.08 -31.65
C LEU B 427 17.83 21.44 -32.75
N MET B 428 17.31 20.40 -33.41
CA MET B 428 18.06 19.77 -34.52
C MET B 428 18.09 20.62 -35.80
N THR B 429 16.99 21.30 -36.10
CA THR B 429 16.79 21.95 -37.40
C THR B 429 16.77 23.48 -37.37
N LYS B 430 16.48 24.07 -36.20
CA LYS B 430 16.20 25.50 -36.06
C LYS B 430 14.97 25.94 -36.84
N ASP B 431 14.10 24.99 -37.20
CA ASP B 431 12.83 25.29 -37.86
C ASP B 431 11.84 25.79 -36.81
N ASP B 432 11.52 27.08 -36.87
CA ASP B 432 10.63 27.73 -35.90
C ASP B 432 9.28 27.09 -35.71
N ARG B 433 8.75 26.48 -36.77
CA ARG B 433 7.45 25.82 -36.69
C ARG B 433 7.38 24.71 -35.64
N TYR B 434 8.50 24.06 -35.34
CA TYR B 434 8.51 23.07 -34.26
C TYR B 434 8.30 23.76 -32.91
N LEU B 435 9.08 24.82 -32.66
CA LEU B 435 8.96 25.56 -31.42
C LEU B 435 7.59 26.22 -31.25
N LYS B 436 7.07 26.83 -32.32
CA LYS B 436 5.74 27.47 -32.25
C LYS B 436 4.67 26.45 -31.86
N ALA B 437 4.77 25.26 -32.44
CA ALA B 437 3.83 24.18 -32.12
C ALA B 437 3.91 23.81 -30.64
N ALA B 438 5.11 23.62 -30.15
CA ALA B 438 5.35 23.35 -28.74
C ALA B 438 4.78 24.47 -27.86
N LEU B 439 5.02 25.73 -28.25
CA LEU B 439 4.53 26.87 -27.49
C LEU B 439 3.02 26.90 -27.40
N ARG B 440 2.35 26.66 -28.52
CA ARG B 440 0.89 26.59 -28.55
C ARG B 440 0.31 25.43 -27.70
N ALA B 441 1.13 24.40 -27.46
CA ALA B 441 0.65 23.19 -26.76
C ALA B 441 0.27 23.41 -25.30
N THR B 442 0.65 24.55 -24.74
CA THR B 442 0.30 24.85 -23.36
C THR B 442 -1.18 25.20 -23.22
N GLY B 443 -1.84 25.47 -24.35
CA GLY B 443 -3.25 25.87 -24.37
C GLY B 443 -4.14 25.13 -23.39
N PRO B 444 -4.32 23.81 -23.58
CA PRO B 444 -5.20 23.04 -22.69
C PRO B 444 -4.84 23.04 -21.20
N PHE B 445 -3.60 23.37 -20.84
CA PHE B 445 -3.18 23.38 -19.43
C PHE B 445 -3.87 24.48 -18.61
N LYS B 446 -4.40 25.48 -19.31
CA LYS B 446 -4.96 26.65 -18.67
C LYS B 446 -6.47 26.54 -18.44
N LEU B 447 -7.07 25.49 -19.01
CA LEU B 447 -8.50 25.25 -18.88
C LEU B 447 -8.80 23.99 -18.07
N PRO B 448 -9.86 24.04 -17.25
CA PRO B 448 -10.26 22.87 -16.47
C PRO B 448 -10.78 21.75 -17.36
N SER B 449 -10.74 20.52 -16.86
CA SER B 449 -11.17 19.33 -17.60
C SER B 449 -12.56 19.44 -18.22
N GLU B 450 -13.50 20.04 -17.50
CA GLU B 450 -14.89 20.15 -17.94
C GLU B 450 -15.09 21.20 -19.03
N GLN B 451 -14.09 22.04 -19.27
CA GLN B 451 -14.19 23.06 -20.32
C GLN B 451 -13.24 22.75 -21.46
N HIS B 452 -13.07 21.47 -21.73
CA HIS B 452 -12.26 20.99 -22.83
C HIS B 452 -10.78 21.32 -22.62
N GLY B 453 -10.35 21.19 -21.37
CA GLY B 453 -8.97 21.38 -20.99
C GLY B 453 -8.42 20.13 -20.33
N VAL B 454 -7.38 20.33 -19.53
CA VAL B 454 -6.61 19.24 -18.98
C VAL B 454 -6.29 19.46 -17.48
N LYS B 455 -6.73 20.60 -16.94
CA LYS B 455 -6.41 20.97 -15.56
C LYS B 455 -7.41 20.45 -14.55
N ALA B 456 -6.90 19.72 -13.56
CA ALA B 456 -7.69 19.32 -12.41
C ALA B 456 -7.15 20.06 -11.19
N VAL B 457 -7.88 20.03 -10.09
CA VAL B 457 -7.45 20.66 -8.85
C VAL B 457 -7.69 19.68 -7.71
N PHE B 458 -6.65 19.34 -6.98
CA PHE B 458 -6.77 18.39 -5.87
C PHE B 458 -7.19 19.09 -4.57
N MET B 459 -8.34 18.69 -4.03
CA MET B 459 -8.92 19.25 -2.79
C MET B 459 -8.88 20.75 -2.74
N ASN B 460 -9.32 21.38 -3.82
CA ASN B 460 -9.40 22.84 -3.93
C ASN B 460 -8.08 23.56 -3.77
N LYS B 461 -6.98 22.81 -3.78
CA LYS B 461 -5.70 23.38 -3.40
C LYS B 461 -4.61 23.25 -4.47
N TYR B 462 -4.50 22.08 -5.09
CA TYR B 462 -3.35 21.80 -5.95
C TYR B 462 -3.70 21.58 -7.42
N ASP B 463 -3.16 22.45 -8.28
CA ASP B 463 -3.30 22.29 -9.73
C ASP B 463 -2.66 20.99 -10.18
N TRP B 464 -3.33 20.26 -11.07
CA TRP B 464 -2.81 19.02 -11.60
C TRP B 464 -3.12 18.99 -13.08
N TYR B 465 -2.26 18.33 -13.85
CA TYR B 465 -2.45 18.21 -15.29
C TYR B 465 -2.76 16.76 -15.63
N GLU B 466 -3.95 16.53 -16.18
CA GLU B 466 -4.53 15.20 -16.28
C GLU B 466 -4.13 14.41 -17.54
N GLU B 467 -3.62 13.20 -17.34
CA GLU B 467 -3.49 12.26 -18.43
C GLU B 467 -4.89 11.98 -19.00
N TYR B 468 -5.88 11.81 -18.12
CA TYR B 468 -7.27 11.63 -18.52
C TYR B 468 -8.15 12.65 -17.80
N PRO B 469 -8.62 13.68 -18.51
CA PRO B 469 -9.33 14.82 -17.90
C PRO B 469 -10.75 14.42 -17.54
N THR B 470 -10.88 13.44 -16.65
CA THR B 470 -12.18 12.85 -16.36
C THR B 470 -13.05 13.71 -15.43
N ILE B 471 -14.34 13.37 -15.39
CA ILE B 471 -15.28 13.90 -14.40
C ILE B 471 -15.84 12.71 -13.63
N PRO B 472 -15.50 12.60 -12.33
CA PRO B 472 -14.56 13.45 -11.58
C PRO B 472 -13.08 13.19 -11.95
N SER B 473 -12.16 13.98 -11.37
CA SER B 473 -10.73 13.90 -11.70
C SER B 473 -10.08 12.60 -11.20
N SER B 474 -9.01 12.20 -11.89
CA SER B 474 -8.42 10.88 -11.73
C SER B 474 -6.97 10.91 -11.21
N PHE B 475 -6.22 11.97 -11.56
CA PHE B 475 -4.89 12.22 -11.02
C PHE B 475 -3.88 11.10 -11.28
N VAL B 476 -3.75 10.69 -12.54
CA VAL B 476 -2.77 9.64 -12.88
C VAL B 476 -1.38 10.24 -12.74
N LEU B 477 -0.52 9.56 -11.98
CA LEU B 477 0.80 10.08 -11.68
C LEU B 477 1.72 10.20 -12.91
N ASN B 478 1.88 9.11 -13.66
CA ASN B 478 2.93 9.09 -14.67
C ASN B 478 2.68 10.09 -15.78
N GLY B 479 1.44 10.16 -16.23
CA GLY B 479 1.07 11.14 -17.24
C GLY B 479 1.26 12.57 -16.80
N PHE B 480 1.03 12.83 -15.51
CA PHE B 480 1.23 14.16 -14.96
C PHE B 480 2.70 14.52 -15.07
N ILE B 481 3.58 13.62 -14.60
CA ILE B 481 5.01 13.89 -14.63
C ILE B 481 5.52 14.08 -16.08
N TYR B 482 5.02 13.29 -17.03
CA TYR B 482 5.43 13.46 -18.42
C TYR B 482 5.05 14.85 -18.92
N SER B 483 3.91 15.37 -18.45
CA SER B 483 3.47 16.72 -18.82
C SER B 483 4.44 17.75 -18.29
N LEU B 484 4.96 17.51 -17.09
CA LEU B 484 5.97 18.39 -16.48
C LEU B 484 7.30 18.33 -17.21
N ILE B 485 7.74 17.15 -17.60
CA ILE B 485 8.98 17.04 -18.36
C ILE B 485 8.89 17.81 -19.68
N GLY B 486 7.72 17.74 -20.30
CA GLY B 486 7.46 18.43 -21.53
C GLY B 486 7.49 19.92 -21.34
N LEU B 487 6.82 20.39 -20.29
CA LEU B 487 6.84 21.81 -19.97
C LEU B 487 8.25 22.31 -19.71
N PHE B 488 9.05 21.49 -19.01
CA PHE B 488 10.45 21.81 -18.74
C PHE B 488 11.25 21.97 -20.02
N ASP B 489 11.18 20.96 -20.90
CA ASP B 489 11.83 20.99 -22.23
C ASP B 489 11.53 22.30 -22.96
N LEU B 490 10.26 22.70 -22.93
CA LEU B 490 9.81 23.92 -23.57
C LEU B 490 10.37 25.17 -22.92
N ALA B 491 10.20 25.27 -21.60
CA ALA B 491 10.62 26.45 -20.85
C ALA B 491 12.11 26.72 -21.01
N GLN B 492 12.90 25.64 -20.98
CA GLN B 492 14.35 25.73 -21.11
C GLN B 492 14.84 26.11 -22.51
N THR B 493 14.01 25.87 -23.51
CA THR B 493 14.41 25.98 -24.90
C THR B 493 13.88 27.26 -25.52
N ALA B 494 12.66 27.66 -25.13
CA ALA B 494 12.04 28.85 -25.68
C ALA B 494 12.75 30.13 -25.21
N GLY B 495 13.56 30.01 -24.16
CA GLY B 495 14.19 31.17 -23.54
C GLY B 495 13.34 31.85 -22.48
N GLU B 496 13.89 32.89 -21.87
CA GLU B 496 13.26 33.58 -20.74
C GLU B 496 11.91 34.20 -21.07
N LYS B 497 11.82 34.89 -22.20
CA LYS B 497 10.60 35.61 -22.53
C LYS B 497 9.48 34.69 -23.02
N LEU B 498 9.77 33.91 -24.07
CA LEU B 498 8.76 33.03 -24.66
C LEU B 498 8.39 31.82 -23.79
N GLY B 499 9.34 31.39 -22.97
CA GLY B 499 9.15 30.20 -22.13
C GLY B 499 8.52 30.43 -20.76
N ARG B 500 8.22 31.69 -20.45
CA ARG B 500 7.71 32.05 -19.13
C ARG B 500 6.43 31.31 -18.80
N ASP B 501 5.55 31.24 -19.80
CA ASP B 501 4.28 30.55 -19.70
C ASP B 501 4.45 29.06 -19.33
N ALA B 502 5.29 28.36 -20.07
CA ALA B 502 5.58 26.97 -19.78
C ALA B 502 6.25 26.84 -18.41
N GLY B 503 7.15 27.78 -18.11
CA GLY B 503 7.89 27.81 -16.85
C GLY B 503 6.98 27.95 -15.64
N GLN B 504 5.96 28.79 -15.79
CA GLN B 504 5.01 29.03 -14.73
C GLN B 504 4.17 27.77 -14.48
N LEU B 505 3.69 27.16 -15.56
CA LEU B 505 2.91 25.92 -15.47
C LEU B 505 3.75 24.81 -14.87
N TYR B 506 5.00 24.71 -15.30
CA TYR B 506 5.92 23.71 -14.76
C TYR B 506 6.08 23.87 -13.25
N SER B 507 6.41 25.08 -12.80
CA SER B 507 6.83 25.23 -11.42
C SER B 507 5.62 25.03 -10.51
N LYS B 508 4.46 25.45 -10.98
CA LYS B 508 3.25 25.22 -10.23
C LYS B 508 2.92 23.72 -10.13
N GLY B 509 3.09 22.98 -11.23
CA GLY B 509 2.90 21.54 -11.20
C GLY B 509 3.86 20.85 -10.24
N MET B 510 5.10 21.29 -10.23
CA MET B 510 6.13 20.74 -9.37
C MET B 510 5.79 20.93 -7.86
N GLU B 511 5.14 22.06 -7.54
CA GLU B 511 4.65 22.27 -6.18
C GLU B 511 3.63 21.21 -5.80
N SER B 512 2.66 20.98 -6.68
CA SER B 512 1.65 19.94 -6.46
C SER B 512 2.30 18.56 -6.30
N LEU B 513 3.24 18.23 -7.19
CA LEU B 513 3.86 16.91 -7.20
C LEU B 513 4.55 16.61 -5.86
N LYS B 514 5.26 17.61 -5.33
CA LYS B 514 6.05 17.43 -4.11
C LYS B 514 5.16 17.15 -2.89
N VAL B 515 3.98 17.73 -2.87
CA VAL B 515 3.05 17.51 -1.77
C VAL B 515 2.31 16.18 -1.93
N MET B 516 1.89 15.89 -3.16
CA MET B 516 0.98 14.77 -3.40
C MET B 516 1.63 13.41 -3.52
N LEU B 517 2.94 13.42 -3.72
CA LEU B 517 3.71 12.20 -4.00
C LEU B 517 3.48 11.07 -2.97
N PRO B 518 3.40 11.41 -1.66
CA PRO B 518 3.24 10.28 -0.72
C PRO B 518 1.92 9.58 -0.85
N LEU B 519 0.93 10.24 -1.44
CA LEU B 519 -0.38 9.63 -1.62
C LEU B 519 -0.33 8.41 -2.57
N TYR B 520 0.74 8.30 -3.34
CA TYR B 520 0.90 7.21 -4.32
C TYR B 520 1.76 6.06 -3.80
N ASP B 521 2.20 6.18 -2.55
CA ASP B 521 3.11 5.24 -1.97
C ASP B 521 2.33 4.28 -1.06
N THR B 522 2.36 2.98 -1.39
CA THR B 522 1.63 1.95 -0.64
C THR B 522 2.50 1.29 0.41
N GLY B 523 3.75 1.70 0.49
CA GLY B 523 4.71 1.07 1.38
C GLY B 523 5.34 -0.20 0.85
N SER B 524 4.87 -0.69 -0.30
CA SER B 524 5.58 -1.78 -1.00
C SER B 524 5.53 -1.68 -2.51
N GLY B 525 4.89 -0.62 -3.01
CA GLY B 525 4.69 -0.37 -4.44
C GLY B 525 4.08 1.02 -4.61
N THR B 526 3.64 1.35 -5.82
CA THR B 526 2.93 2.61 -6.03
C THR B 526 1.51 2.38 -6.57
N ILE B 527 0.68 3.39 -6.38
CA ILE B 527 -0.66 3.41 -6.93
C ILE B 527 -0.63 4.20 -8.24
N TYR B 528 -1.43 3.80 -9.22
CA TYR B 528 -1.44 4.42 -10.54
C TYR B 528 -2.04 5.82 -10.54
N ASP B 529 -3.07 6.02 -9.73
CA ASP B 529 -3.90 7.21 -9.77
C ASP B 529 -4.58 7.29 -8.40
N LEU B 530 -5.46 8.27 -8.20
CA LEU B 530 -6.08 8.50 -6.90
C LEU B 530 -7.57 8.17 -6.89
N ARG B 531 -8.01 7.32 -7.81
CA ARG B 531 -9.43 6.98 -7.90
C ARG B 531 -9.97 6.31 -6.64
N HIS B 532 -9.11 5.64 -5.89
CA HIS B 532 -9.56 5.00 -4.65
C HIS B 532 -10.11 6.08 -3.72
N PHE B 533 -9.44 7.23 -3.69
CA PHE B 533 -9.85 8.36 -2.86
C PHE B 533 -10.98 9.17 -3.49
N ILE B 534 -10.86 9.50 -4.79
CA ILE B 534 -11.88 10.29 -5.47
C ILE B 534 -13.21 9.53 -5.56
N LEU B 535 -13.14 8.23 -5.87
CA LEU B 535 -14.37 7.44 -6.05
C LEU B 535 -14.82 6.67 -4.80
N GLY B 536 -13.92 6.47 -3.85
CA GLY B 536 -14.22 5.66 -2.67
C GLY B 536 -14.21 4.20 -3.06
N THR B 537 -13.04 3.67 -3.43
CA THR B 537 -12.95 2.31 -3.92
C THR B 537 -11.56 1.74 -3.62
N ALA B 538 -11.27 0.54 -4.11
CA ALA B 538 -9.97 -0.08 -3.97
C ALA B 538 -8.87 0.76 -4.68
N PRO B 539 -7.64 0.76 -4.14
CA PRO B 539 -6.54 1.43 -4.84
C PRO B 539 -6.29 0.76 -6.19
N ASN B 540 -6.06 1.56 -7.24
CA ASN B 540 -5.69 1.04 -8.53
C ASN B 540 -4.16 0.93 -8.60
N LEU B 541 -3.65 -0.21 -8.12
CA LEU B 541 -2.21 -0.42 -7.98
C LEU B 541 -1.51 -0.42 -9.35
N ALA B 542 -0.35 0.19 -9.39
CA ALA B 542 0.47 0.25 -10.59
C ALA B 542 1.20 -1.09 -10.78
N ARG B 543 1.06 -1.68 -11.96
CA ARG B 543 1.85 -2.86 -12.33
C ARG B 543 3.33 -2.49 -12.34
N TRP B 544 4.20 -3.48 -12.20
CA TRP B 544 5.63 -3.19 -11.98
C TRP B 544 6.25 -2.22 -12.99
N ASP B 545 5.86 -2.28 -14.25
CA ASP B 545 6.57 -1.43 -15.20
C ASP B 545 6.06 0.01 -15.19
N TYR B 546 4.90 0.24 -14.57
CA TYR B 546 4.52 1.62 -14.25
C TYR B 546 5.25 2.09 -12.99
N HIS B 547 5.43 1.19 -12.02
CA HIS B 547 6.24 1.52 -10.85
C HIS B 547 7.64 1.93 -11.30
N THR B 548 8.16 1.19 -12.27
CA THR B 548 9.47 1.47 -12.81
C THR B 548 9.45 2.79 -13.59
N THR B 549 8.34 3.10 -14.24
CA THR B 549 8.19 4.41 -14.89
C THR B 549 8.23 5.54 -13.86
N HIS B 550 7.48 5.38 -12.76
CA HIS B 550 7.50 6.33 -11.65
C HIS B 550 8.92 6.60 -11.15
N ILE B 551 9.68 5.53 -10.87
CA ILE B 551 11.05 5.69 -10.43
C ILE B 551 11.93 6.47 -11.44
N ASN B 552 11.93 6.03 -12.70
CA ASN B 552 12.67 6.69 -13.76
C ASN B 552 12.29 8.17 -13.87
N GLN B 553 11.02 8.48 -13.65
CA GLN B 553 10.52 9.84 -13.73
C GLN B 553 11.05 10.72 -12.60
N LEU B 554 11.04 10.18 -11.38
CA LEU B 554 11.52 10.91 -10.23
C LEU B 554 13.04 11.09 -10.26
N GLN B 555 13.77 10.06 -10.69
CA GLN B 555 15.21 10.20 -10.74
C GLN B 555 15.64 11.18 -11.84
N LEU B 556 14.82 11.32 -12.88
CA LEU B 556 15.06 12.34 -13.90
C LEU B 556 14.90 13.72 -13.30
N LEU B 557 13.78 13.92 -12.62
CA LEU B 557 13.47 15.19 -11.96
C LEU B 557 14.52 15.56 -10.91
N GLY B 558 15.02 14.54 -10.23
CA GLY B 558 16.10 14.71 -9.26
C GLY B 558 17.37 15.36 -9.79
N THR B 559 17.62 15.23 -11.09
CA THR B 559 18.85 15.83 -11.68
C THR B 559 18.60 17.28 -12.08
N ILE B 560 17.35 17.70 -12.07
CA ILE B 560 17.04 19.08 -12.47
C ILE B 560 16.32 19.89 -11.39
N ASP B 561 16.09 19.27 -10.23
CA ASP B 561 15.48 19.92 -9.07
C ASP B 561 16.03 19.22 -7.83
N ASN B 562 16.58 19.99 -6.89
CA ASN B 562 17.34 19.41 -5.80
C ASN B 562 16.52 19.05 -4.54
N SER B 563 15.18 19.05 -4.63
CA SER B 563 14.39 18.67 -3.46
C SER B 563 14.75 17.28 -2.99
N PRO B 564 14.96 17.13 -1.68
CA PRO B 564 15.24 15.80 -1.12
C PRO B 564 14.11 14.80 -1.38
N ILE B 565 12.89 15.30 -1.58
CA ILE B 565 11.72 14.44 -1.79
C ILE B 565 11.92 13.43 -2.93
N PHE B 566 12.53 13.89 -4.03
CA PHE B 566 12.79 13.01 -5.18
C PHE B 566 13.80 11.92 -4.85
N ARG B 567 14.91 12.29 -4.20
CA ARG B 567 15.91 11.31 -3.83
C ARG B 567 15.39 10.34 -2.77
N ASP B 568 14.70 10.86 -1.76
CA ASP B 568 14.15 10.01 -0.70
C ASP B 568 13.14 9.02 -1.25
N SER B 569 12.25 9.51 -2.11
CA SER B 569 11.24 8.65 -2.73
C SER B 569 11.85 7.65 -3.70
N VAL B 570 12.86 8.07 -4.46
CA VAL B 570 13.50 7.15 -5.41
C VAL B 570 14.12 5.97 -4.67
N LYS B 571 14.85 6.27 -3.61
CA LYS B 571 15.49 5.26 -2.79
C LYS B 571 14.49 4.21 -2.29
N ARG B 572 13.41 4.66 -1.67
CA ARG B 572 12.46 3.75 -1.08
C ARG B 572 11.68 2.99 -2.16
N TRP B 573 11.35 3.66 -3.26
CA TRP B 573 10.61 3.02 -4.32
C TRP B 573 11.43 1.96 -5.04
N LYS B 574 12.73 2.19 -5.16
CA LYS B 574 13.66 1.19 -5.70
C LYS B 574 13.73 -0.05 -4.80
N SER B 575 13.72 0.15 -3.48
CA SER B 575 13.81 -1.00 -2.59
C SER B 575 12.60 -1.91 -2.76
N TYR B 576 11.45 -1.35 -3.15
CA TYR B 576 10.23 -2.12 -3.37
C TYR B 576 10.42 -3.17 -4.46
N LEU B 577 11.15 -2.80 -5.51
CA LEU B 577 11.51 -3.77 -6.56
C LEU B 577 12.22 -5.01 -6.02
N LYS B 578 12.94 -4.85 -4.90
CA LYS B 578 13.72 -5.93 -4.29
C LYS B 578 13.08 -6.47 -3.00
N GLY B 579 11.76 -6.41 -2.91
CA GLY B 579 11.05 -6.96 -1.74
C GLY B 579 11.12 -6.10 -0.49
N GLY B 580 11.65 -4.89 -0.63
CA GLY B 580 11.71 -3.98 0.50
C GLY B 580 10.33 -3.44 0.76
N ARG B 581 10.07 -3.03 2.00
CA ARG B 581 8.81 -2.38 2.36
C ARG B 581 9.03 -1.34 3.44
N ALA B 582 8.10 -0.39 3.55
CA ALA B 582 8.10 0.51 4.69
C ALA B 582 7.88 -0.28 5.99
N LYS B 583 8.44 0.22 7.08
CA LYS B 583 8.30 -0.37 8.40
C LYS B 583 6.84 -0.29 8.85
N HIS B 584 6.35 -1.34 9.50
CA HIS B 584 5.07 -1.26 10.19
C HIS B 584 5.30 -0.93 11.66
N ASN B 585 4.27 -0.48 12.35
CA ASN B 585 4.43 -0.30 13.79
C ASN B 585 4.30 -1.62 14.56
#